data_5S7O
#
_entry.id   5S7O
#
_cell.length_a   127.167
_cell.length_b   84.834
_cell.length_c   88.284
_cell.angle_alpha   90.000
_cell.angle_beta   130.950
_cell.angle_gamma   90.000
#
_symmetry.space_group_name_H-M   'C 1 2 1'
#
loop_
_entity.id
_entity.type
_entity.pdbx_description
1 polymer 'Activin receptor type-1'
2 non-polymer 4-methyl-3-[4-(1-methylpiperidin-4-yl)phenyl]-5-(3,4,5-trimethoxyphenyl)pyridine
3 non-polymer 1,2-ETHANEDIOL
4 non-polymer 'L(+)-TARTARIC ACID'
5 non-polymer 'SULFATE ION'
6 non-polymer 'DIMETHYL SULFOXIDE'
7 non-polymer piperazin-2-one
8 water water
#
_entity_poly.entity_id   1
_entity_poly.type   'polypeptide(L)'
_entity_poly.pdbx_seq_one_letter_code
;SMQRTVARDITLLECVGKGRYGEVWRGSWQGENVAVKIFSSRDEKSWFRETELYNTVMLRHENILGFIASDMTSRHSSTQ
LWLITHYHEMGSLYDYLQLTTLDTVSCLRIVLSIASGLAHLHIEIFGTQGKPAIAHRDLKSKNILVKKNGQCCIADLGLA
VMHSQSTNQLDVGNNPRVGTKRYMAPEVLDETIQVDCFDSYKRVDIWAFGLVLWEVARRMVSNGIVEDYKPPFYDVVPND
PSFEDMRKVVCVDQQRPNIPNRWFSDPTLTSLAKLMKECWYQNPSARLTALRIKKTLTKID
;
_entity_poly.pdbx_strand_id   A,B
#
loop_
_chem_comp.id
_chem_comp.type
_chem_comp.name
_chem_comp.formula
DMS non-polymer 'DIMETHYL SULFOXIDE' 'C2 H6 O S'
EDO non-polymer 1,2-ETHANEDIOL 'C2 H6 O2'
LU8 non-polymer 4-methyl-3-[4-(1-methylpiperidin-4-yl)phenyl]-5-(3,4,5-trimethoxyphenyl)pyridine 'C27 H32 N2 O3'
SO4 non-polymer 'SULFATE ION' 'O4 S -2'
TLA non-polymer 'L(+)-TARTARIC ACID' 'C4 H6 O6'
XJJ non-polymer piperazin-2-one 'C4 H8 N2 O'
#
# COMPACT_ATOMS: atom_id res chain seq x y z
N GLN A 3 -44.32 4.20 -6.01
CA GLN A 3 -42.83 4.01 -6.08
C GLN A 3 -42.40 3.88 -7.56
N ARG A 4 -41.23 3.27 -7.84
CA ARG A 4 -40.29 3.79 -8.85
C ARG A 4 -40.17 2.94 -10.14
N THR A 5 -39.64 3.58 -11.18
CA THR A 5 -39.43 3.01 -12.53
C THR A 5 -38.01 2.48 -12.55
N VAL A 6 -37.83 1.25 -13.02
CA VAL A 6 -36.51 0.58 -13.12
C VAL A 6 -36.25 0.32 -14.61
N ALA A 7 -35.60 1.30 -15.25
CA ALA A 7 -35.30 1.26 -16.69
C ALA A 7 -34.14 0.29 -16.85
N ARG A 8 -34.40 -0.83 -17.51
CA ARG A 8 -33.46 -1.95 -17.68
C ARG A 8 -33.15 -2.07 -19.16
N ASP A 9 -34.02 -1.52 -20.00
CA ASP A 9 -33.78 -1.51 -21.48
C ASP A 9 -32.34 -1.02 -21.68
N ILE A 10 -31.53 -1.79 -22.39
CA ILE A 10 -30.18 -1.38 -22.86
C ILE A 10 -30.22 -1.52 -24.37
N THR A 11 -30.06 -0.44 -25.11
CA THR A 11 -29.96 -0.50 -26.60
C THR A 11 -28.57 -1.03 -26.98
N LEU A 12 -28.52 -2.23 -27.56
CA LEU A 12 -27.27 -2.77 -28.16
C LEU A 12 -27.09 -2.04 -29.49
N LEU A 13 -26.01 -1.29 -29.66
CA LEU A 13 -25.90 -0.35 -30.80
C LEU A 13 -24.95 -0.93 -31.84
N GLU A 14 -23.81 -1.48 -31.44
CA GLU A 14 -22.89 -2.10 -32.43
C GLU A 14 -22.08 -3.18 -31.70
N CYS A 15 -21.80 -4.24 -32.43
CA CYS A 15 -20.97 -5.36 -31.95
C CYS A 15 -19.49 -4.98 -32.13
N VAL A 16 -18.71 -5.00 -31.05
CA VAL A 16 -17.28 -4.61 -31.08
C VAL A 16 -16.41 -5.84 -30.84
N GLY A 17 -17.01 -7.03 -30.76
CA GLY A 17 -16.29 -8.26 -30.43
C GLY A 17 -17.17 -9.47 -30.63
N LYS A 18 -16.64 -10.50 -31.28
CA LYS A 18 -17.34 -11.78 -31.52
C LYS A 18 -16.27 -12.84 -31.47
N GLY A 19 -16.54 -13.92 -30.75
CA GLY A 19 -15.58 -15.01 -30.49
C GLY A 19 -16.31 -16.24 -30.02
N ARG A 20 -15.55 -17.23 -29.56
CA ARG A 20 -16.10 -18.44 -28.90
C ARG A 20 -16.70 -18.04 -27.54
N TYR A 21 -16.24 -16.95 -26.90
CA TYR A 21 -16.79 -16.44 -25.60
C TYR A 21 -18.23 -15.95 -25.75
N GLY A 22 -18.65 -15.67 -26.98
CA GLY A 22 -19.90 -14.95 -27.27
C GLY A 22 -19.60 -13.64 -27.98
N GLU A 23 -20.24 -12.54 -27.57
CA GLU A 23 -20.17 -11.23 -28.25
C GLU A 23 -19.98 -10.13 -27.22
N VAL A 24 -19.28 -9.05 -27.58
CA VAL A 24 -19.39 -7.76 -26.83
C VAL A 24 -20.00 -6.69 -27.74
N TRP A 25 -20.94 -5.93 -27.19
CA TRP A 25 -21.68 -4.81 -27.81
C TRP A 25 -21.39 -3.51 -27.07
N ARG A 26 -21.19 -2.44 -27.82
CA ARG A 26 -21.47 -1.08 -27.32
C ARG A 26 -22.97 -0.96 -27.13
N GLY A 27 -23.39 -0.53 -25.95
CA GLY A 27 -24.81 -0.34 -25.62
C GLY A 27 -25.01 1.01 -25.00
N SER A 28 -26.27 1.39 -24.82
CA SER A 28 -26.63 2.68 -24.21
C SER A 28 -27.61 2.33 -23.12
N TRP A 29 -27.32 2.80 -21.92
CA TRP A 29 -28.31 2.91 -20.84
C TRP A 29 -28.48 4.39 -20.48
N GLN A 30 -29.65 4.97 -20.71
CA GLN A 30 -29.93 6.36 -20.25
C GLN A 30 -28.85 7.29 -20.83
N GLY A 31 -28.71 7.29 -22.17
CA GLY A 31 -27.71 8.10 -22.91
C GLY A 31 -26.27 7.61 -22.76
N GLU A 32 -25.95 6.94 -21.62
CA GLU A 32 -24.59 6.60 -21.11
C GLU A 32 -24.07 5.30 -21.76
N ASN A 33 -22.86 5.35 -22.34
CA ASN A 33 -22.25 4.19 -23.05
C ASN A 33 -21.94 3.09 -22.03
N VAL A 34 -22.32 1.87 -22.35
CA VAL A 34 -21.92 0.68 -21.54
C VAL A 34 -21.39 -0.38 -22.50
N ALA A 35 -20.63 -1.33 -21.99
CA ALA A 35 -20.22 -2.50 -22.79
C ALA A 35 -21.04 -3.69 -22.30
N VAL A 36 -21.61 -4.46 -23.22
CA VAL A 36 -22.45 -5.63 -22.86
C VAL A 36 -21.80 -6.88 -23.42
N LYS A 37 -21.30 -7.77 -22.56
CA LYS A 37 -20.82 -9.09 -22.97
C LYS A 37 -21.96 -10.10 -22.85
N ILE A 38 -22.30 -10.66 -23.98
CA ILE A 38 -23.37 -11.70 -24.11
C ILE A 38 -22.65 -13.03 -24.20
N PHE A 39 -22.82 -13.89 -23.21
CA PHE A 39 -22.03 -15.15 -23.09
C PHE A 39 -22.61 -16.23 -24.00
N SER A 40 -21.73 -16.92 -24.72
CA SER A 40 -22.01 -18.23 -25.34
C SER A 40 -22.41 -19.25 -24.26
N SER A 41 -23.16 -20.28 -24.64
CA SER A 41 -23.43 -21.46 -23.77
C SER A 41 -22.08 -22.06 -23.34
N ARG A 42 -21.11 -22.10 -24.25
CA ARG A 42 -19.75 -22.67 -24.03
C ARG A 42 -19.14 -22.05 -22.77
N ASP A 43 -19.39 -20.76 -22.56
CA ASP A 43 -18.64 -19.99 -21.52
C ASP A 43 -19.52 -19.46 -20.38
N GLU A 44 -20.64 -20.10 -20.07
CA GLU A 44 -21.54 -19.75 -18.94
C GLU A 44 -20.73 -19.68 -17.64
N LYS A 45 -19.78 -20.57 -17.40
CA LYS A 45 -19.13 -20.63 -16.08
C LYS A 45 -18.31 -19.34 -15.88
N SER A 46 -17.85 -18.69 -16.95
CA SER A 46 -17.11 -17.39 -16.82
C SER A 46 -18.07 -16.32 -16.28
N TRP A 47 -19.32 -16.28 -16.79
CA TRP A 47 -20.31 -15.33 -16.22
C TRP A 47 -20.52 -15.62 -14.74
N PHE A 48 -20.72 -16.89 -14.38
CA PHE A 48 -21.01 -17.25 -12.97
C PHE A 48 -19.83 -16.85 -12.09
N ARG A 49 -18.61 -17.12 -12.55
CA ARG A 49 -17.42 -16.83 -11.72
C ARG A 49 -17.25 -15.33 -11.50
N GLU A 50 -17.36 -14.54 -12.56
CA GLU A 50 -17.19 -13.08 -12.41
C GLU A 50 -18.32 -12.52 -11.53
N THR A 51 -19.55 -12.99 -11.71
CA THR A 51 -20.70 -12.60 -10.90
C THR A 51 -20.45 -12.99 -9.44
N GLU A 52 -20.03 -14.21 -9.16
CA GLU A 52 -19.76 -14.68 -7.79
C GLU A 52 -18.71 -13.78 -7.14
N LEU A 53 -17.70 -13.40 -7.89
CA LEU A 53 -16.61 -12.57 -7.32
C LEU A 53 -17.17 -11.19 -6.96
N TYR A 54 -17.90 -10.55 -7.88
CA TYR A 54 -18.45 -9.20 -7.65
C TYR A 54 -19.54 -9.21 -6.56
N ASN A 55 -20.22 -10.35 -6.38
CA ASN A 55 -21.18 -10.51 -5.26
C ASN A 55 -20.42 -10.64 -3.94
N THR A 56 -19.17 -11.07 -3.98
CA THR A 56 -18.28 -11.21 -2.79
C THR A 56 -17.63 -9.88 -2.46
N VAL A 57 -17.09 -9.21 -3.47
CA VAL A 57 -16.35 -7.93 -3.28
C VAL A 57 -16.63 -7.06 -4.50
N MET A 58 -17.13 -5.86 -4.24
CA MET A 58 -17.44 -4.90 -5.33
C MET A 58 -16.13 -4.14 -5.64
N LEU A 59 -15.32 -4.71 -6.51
CA LEU A 59 -14.01 -4.09 -6.83
C LEU A 59 -14.28 -2.72 -7.45
N ARG A 60 -13.52 -1.74 -7.04
CA ARG A 60 -13.57 -0.39 -7.62
C ARG A 60 -12.15 0.14 -7.67
N HIS A 61 -11.58 0.18 -8.87
CA HIS A 61 -10.19 0.62 -9.05
C HIS A 61 -10.06 1.18 -10.46
N GLU A 62 -9.33 2.29 -10.61
CA GLU A 62 -9.20 2.96 -11.92
C GLU A 62 -8.58 2.00 -12.97
N ASN A 63 -7.84 0.97 -12.55
CA ASN A 63 -7.17 0.06 -13.50
C ASN A 63 -7.83 -1.33 -13.58
N ILE A 64 -9.07 -1.44 -13.08
N ILE A 64 -9.08 -1.40 -13.16
CA ILE A 64 -9.95 -2.63 -13.19
CA ILE A 64 -9.89 -2.64 -13.29
C ILE A 64 -11.17 -2.20 -13.99
C ILE A 64 -11.20 -2.24 -13.96
N LEU A 65 -11.53 -2.94 -15.07
CA LEU A 65 -12.73 -2.57 -15.83
C LEU A 65 -13.96 -2.44 -14.91
N GLY A 66 -14.64 -1.32 -14.99
CA GLY A 66 -15.71 -1.00 -14.02
C GLY A 66 -16.95 -1.88 -14.20
N PHE A 67 -17.34 -2.56 -13.14
CA PHE A 67 -18.56 -3.39 -13.14
C PHE A 67 -19.79 -2.47 -13.08
N ILE A 68 -20.80 -2.83 -13.87
CA ILE A 68 -22.13 -2.18 -13.80
C ILE A 68 -23.16 -3.22 -13.37
N ALA A 69 -23.28 -4.34 -14.08
CA ALA A 69 -24.38 -5.28 -13.78
C ALA A 69 -24.09 -6.68 -14.32
N SER A 70 -24.65 -7.67 -13.66
CA SER A 70 -24.81 -9.04 -14.16
C SER A 70 -26.29 -9.31 -14.33
N ASP A 71 -26.67 -9.73 -15.53
CA ASP A 71 -28.09 -9.96 -15.85
C ASP A 71 -28.26 -11.38 -16.36
N MET A 72 -29.20 -12.09 -15.74
CA MET A 72 -29.70 -13.40 -16.23
C MET A 72 -31.18 -13.22 -16.63
N THR A 73 -31.50 -13.54 -17.87
CA THR A 73 -32.89 -13.42 -18.39
C THR A 73 -33.33 -14.80 -18.89
N SER A 74 -34.49 -15.28 -18.43
CA SER A 74 -35.14 -16.52 -18.91
C SER A 74 -35.64 -16.28 -20.34
N ARG A 75 -35.31 -17.19 -21.26
CA ARG A 75 -35.84 -17.21 -22.65
C ARG A 75 -36.68 -18.48 -22.84
N HIS A 76 -37.40 -18.62 -23.97
CA HIS A 76 -38.30 -19.78 -24.27
C HIS A 76 -37.63 -21.08 -23.84
N SER A 77 -36.42 -21.34 -24.30
CA SER A 77 -35.76 -22.64 -24.05
C SER A 77 -34.27 -22.46 -23.77
N SER A 78 -33.85 -21.30 -23.25
CA SER A 78 -32.44 -21.04 -22.89
C SER A 78 -32.39 -19.97 -21.81
N THR A 79 -31.22 -19.81 -21.18
CA THR A 79 -30.96 -18.69 -20.25
C THR A 79 -29.98 -17.74 -20.94
N GLN A 80 -30.25 -16.44 -20.94
CA GLN A 80 -29.35 -15.43 -21.55
C GLN A 80 -28.53 -14.77 -20.45
N LEU A 81 -27.21 -14.69 -20.60
CA LEU A 81 -26.31 -14.13 -19.56
C LEU A 81 -25.57 -12.95 -20.15
N TRP A 82 -25.71 -11.81 -19.50
CA TRP A 82 -25.06 -10.56 -19.92
C TRP A 82 -24.19 -10.06 -18.76
N LEU A 83 -22.98 -9.56 -19.07
CA LEU A 83 -22.18 -8.77 -18.10
C LEU A 83 -22.09 -7.36 -18.68
N ILE A 84 -22.42 -6.37 -17.86
CA ILE A 84 -22.44 -4.95 -18.28
C ILE A 84 -21.34 -4.23 -17.55
N THR A 85 -20.49 -3.54 -18.30
CA THR A 85 -19.33 -2.81 -17.73
C THR A 85 -19.22 -1.43 -18.36
N HIS A 86 -18.32 -0.65 -17.79
CA HIS A 86 -17.85 0.59 -18.44
C HIS A 86 -17.46 0.28 -19.89
N TYR A 87 -17.58 1.29 -20.76
CA TYR A 87 -17.19 1.15 -22.17
C TYR A 87 -15.95 2.00 -22.43
N HIS A 88 -14.92 1.38 -22.99
CA HIS A 88 -13.65 2.06 -23.35
C HIS A 88 -13.48 2.07 -24.86
N GLU A 89 -13.86 3.21 -25.48
CA GLU A 89 -14.03 3.29 -26.95
C GLU A 89 -12.69 3.03 -27.66
N MET A 90 -11.53 3.19 -27.01
CA MET A 90 -10.23 2.96 -27.66
C MET A 90 -9.99 1.46 -27.86
N GLY A 91 -10.70 0.60 -27.14
CA GLY A 91 -10.63 -0.84 -27.27
C GLY A 91 -9.45 -1.46 -26.54
N SER A 92 -9.09 -2.68 -26.90
CA SER A 92 -8.09 -3.45 -26.14
C SER A 92 -6.68 -2.96 -26.45
N LEU A 93 -5.78 -3.20 -25.51
CA LEU A 93 -4.34 -2.91 -25.70
C LEU A 93 -3.82 -3.68 -26.93
N TYR A 94 -4.28 -4.91 -27.13
CA TYR A 94 -3.91 -5.71 -28.31
C TYR A 94 -4.23 -4.94 -29.62
N ASP A 95 -5.42 -4.42 -29.79
N ASP A 95 -5.47 -4.46 -29.73
CA ASP A 95 -5.74 -3.74 -31.07
CA ASP A 95 -5.99 -3.65 -30.85
C ASP A 95 -5.04 -2.36 -31.10
C ASP A 95 -5.11 -2.40 -31.05
N TYR A 96 -4.91 -1.69 -29.96
CA TYR A 96 -4.28 -0.35 -29.88
C TYR A 96 -2.85 -0.47 -30.39
N LEU A 97 -2.12 -1.50 -29.95
CA LEU A 97 -0.68 -1.63 -30.29
C LEU A 97 -0.51 -1.96 -31.77
N GLN A 98 -1.54 -2.40 -32.48
CA GLN A 98 -1.35 -2.88 -33.89
C GLN A 98 -0.90 -1.72 -34.79
N LEU A 99 -1.48 -0.55 -34.56
CA LEU A 99 -1.37 0.67 -35.39
C LEU A 99 -0.53 1.73 -34.67
N THR A 100 -0.62 1.81 -33.34
CA THR A 100 -0.08 2.94 -32.55
C THR A 100 1.34 2.63 -32.09
N THR A 101 2.23 3.59 -32.20
CA THR A 101 3.55 3.55 -31.53
C THR A 101 3.48 4.44 -30.30
N LEU A 102 4.44 4.26 -29.41
CA LEU A 102 4.43 4.87 -28.08
C LEU A 102 5.68 5.72 -27.92
N ASP A 103 5.59 6.77 -27.11
CA ASP A 103 6.80 7.43 -26.56
C ASP A 103 7.05 6.93 -25.13
N THR A 104 8.10 7.39 -24.52
CA THR A 104 8.55 6.94 -23.18
C THR A 104 7.44 7.17 -22.16
N VAL A 105 6.87 8.36 -22.16
CA VAL A 105 5.79 8.69 -21.20
C VAL A 105 4.58 7.77 -21.42
N SER A 106 4.14 7.58 -22.67
N SER A 106 4.09 7.57 -22.64
CA SER A 106 2.92 6.80 -23.00
CA SER A 106 2.87 6.74 -22.82
C SER A 106 3.14 5.31 -22.71
C SER A 106 3.19 5.28 -22.50
N CYS A 107 4.38 4.83 -22.87
CA CYS A 107 4.74 3.41 -22.60
C CYS A 107 4.75 3.16 -21.11
N LEU A 108 5.38 4.02 -20.31
CA LEU A 108 5.43 3.86 -18.87
C LEU A 108 4.03 3.99 -18.25
N ARG A 109 3.23 4.88 -18.76
CA ARG A 109 1.87 5.11 -18.19
C ARG A 109 1.07 3.83 -18.38
N ILE A 110 1.11 3.27 -19.58
CA ILE A 110 0.43 1.99 -19.89
C ILE A 110 0.90 0.91 -18.91
N VAL A 111 2.20 0.66 -18.81
CA VAL A 111 2.65 -0.52 -18.04
C VAL A 111 2.48 -0.30 -16.55
N LEU A 112 2.70 0.92 -16.05
CA LEU A 112 2.48 1.17 -14.62
C LEU A 112 0.98 1.04 -14.28
N SER A 113 0.08 1.45 -15.17
CA SER A 113 -1.37 1.33 -14.90
C SER A 113 -1.74 -0.16 -14.82
N ILE A 114 -1.18 -0.96 -15.71
CA ILE A 114 -1.47 -2.43 -15.66
C ILE A 114 -0.93 -3.01 -14.34
N ALA A 115 0.30 -2.69 -13.97
CA ALA A 115 0.91 -3.16 -12.71
C ALA A 115 0.04 -2.74 -11.51
N SER A 116 -0.50 -1.54 -11.57
N SER A 116 -0.50 -1.52 -11.57
CA SER A 116 -1.36 -0.99 -10.50
CA SER A 116 -1.35 -0.97 -10.50
C SER A 116 -2.63 -1.84 -10.38
C SER A 116 -2.62 -1.82 -10.38
N GLY A 117 -3.30 -2.10 -11.50
CA GLY A 117 -4.50 -2.93 -11.49
C GLY A 117 -4.16 -4.31 -10.96
N LEU A 118 -3.04 -4.88 -11.38
CA LEU A 118 -2.67 -6.27 -10.99
C LEU A 118 -2.33 -6.34 -9.50
N ALA A 119 -1.61 -5.35 -8.98
CA ALA A 119 -1.27 -5.34 -7.53
C ALA A 119 -2.58 -5.20 -6.76
N HIS A 120 -3.50 -4.39 -7.24
CA HIS A 120 -4.82 -4.24 -6.56
C HIS A 120 -5.49 -5.60 -6.48
N LEU A 121 -5.55 -6.35 -7.58
CA LEU A 121 -6.14 -7.68 -7.52
C LEU A 121 -5.40 -8.53 -6.48
N HIS A 122 -4.07 -8.58 -6.56
CA HIS A 122 -3.26 -9.54 -5.79
C HIS A 122 -3.35 -9.32 -4.27
N ILE A 123 -3.54 -8.08 -3.82
CA ILE A 123 -3.30 -7.73 -2.38
C ILE A 123 -4.58 -7.91 -1.58
N GLU A 124 -4.50 -8.67 -0.48
CA GLU A 124 -5.60 -8.78 0.48
C GLU A 124 -5.67 -7.48 1.27
N ILE A 125 -6.86 -6.92 1.43
CA ILE A 125 -7.09 -5.70 2.26
C ILE A 125 -8.01 -6.15 3.39
N PHE A 126 -7.62 -5.91 4.65
CA PHE A 126 -8.38 -6.32 5.86
C PHE A 126 -9.36 -5.23 6.24
N GLY A 127 -10.42 -5.61 6.98
CA GLY A 127 -11.41 -4.69 7.57
C GLY A 127 -12.79 -4.85 6.96
N GLN A 129 -14.09 -2.40 4.54
CA GLN A 129 -14.01 -2.01 3.11
C GLN A 129 -12.83 -2.73 2.43
N GLY A 130 -12.58 -3.98 2.81
CA GLY A 130 -11.40 -4.73 2.33
C GLY A 130 -11.74 -5.58 1.12
N LYS A 131 -10.88 -6.54 0.83
CA LYS A 131 -11.03 -7.47 -0.31
C LYS A 131 -10.13 -8.67 -0.07
N PRO A 132 -10.56 -9.85 -0.55
CA PRO A 132 -9.71 -11.02 -0.61
C PRO A 132 -8.64 -10.74 -1.67
N ALA A 133 -7.53 -11.43 -1.55
CA ALA A 133 -6.54 -11.51 -2.64
C ALA A 133 -7.19 -12.22 -3.83
N ILE A 134 -6.83 -11.77 -5.03
CA ILE A 134 -7.38 -12.28 -6.30
C ILE A 134 -6.23 -12.49 -7.28
N ALA A 135 -6.20 -13.64 -7.93
CA ALA A 135 -5.37 -13.87 -9.14
C ALA A 135 -6.26 -13.97 -10.38
N HIS A 136 -5.80 -13.38 -11.47
CA HIS A 136 -6.58 -13.20 -12.72
C HIS A 136 -6.67 -14.53 -13.49
N ARG A 137 -5.51 -15.11 -13.78
CA ARG A 137 -5.35 -16.41 -14.49
C ARG A 137 -5.52 -16.32 -16.00
N ASP A 138 -5.84 -15.18 -16.60
CA ASP A 138 -5.84 -15.08 -18.08
C ASP A 138 -5.40 -13.69 -18.52
N LEU A 139 -4.32 -13.20 -17.93
CA LEU A 139 -3.83 -11.84 -18.26
C LEU A 139 -3.16 -11.89 -19.62
N LYS A 140 -3.53 -10.95 -20.49
CA LYS A 140 -2.98 -10.83 -21.85
C LYS A 140 -3.43 -9.50 -22.42
N SER A 141 -2.89 -9.10 -23.56
CA SER A 141 -3.16 -7.76 -24.11
C SER A 141 -4.60 -7.65 -24.61
N LYS A 142 -5.27 -8.75 -24.98
CA LYS A 142 -6.70 -8.68 -25.34
C LYS A 142 -7.58 -8.47 -24.11
N ASN A 143 -7.09 -8.71 -22.89
CA ASN A 143 -7.89 -8.58 -21.64
C ASN A 143 -7.50 -7.30 -20.92
N ILE A 144 -6.92 -6.35 -21.65
CA ILE A 144 -6.58 -5.02 -21.10
C ILE A 144 -7.19 -4.00 -22.04
N LEU A 145 -7.92 -3.02 -21.50
CA LEU A 145 -8.52 -1.95 -22.34
CA LEU A 145 -8.55 -1.94 -22.30
C LEU A 145 -7.75 -0.65 -22.12
N VAL A 146 -7.72 0.17 -23.17
CA VAL A 146 -7.02 1.47 -23.16
C VAL A 146 -8.09 2.51 -22.87
N LYS A 147 -7.86 3.28 -21.83
CA LYS A 147 -8.76 4.39 -21.47
C LYS A 147 -8.33 5.68 -22.17
N LYS A 148 -9.28 6.61 -22.28
CA LYS A 148 -9.05 7.92 -22.94
C LYS A 148 -7.89 8.67 -22.26
N ASN A 149 -7.69 8.50 -20.96
CA ASN A 149 -6.62 9.24 -20.24
C ASN A 149 -5.24 8.58 -20.40
N GLY A 150 -5.12 7.51 -21.20
CA GLY A 150 -3.80 6.91 -21.44
C GLY A 150 -3.45 5.81 -20.48
N GLN A 151 -4.20 5.67 -19.38
CA GLN A 151 -4.05 4.51 -18.46
C GLN A 151 -4.87 3.36 -19.03
N CYS A 152 -4.55 2.14 -18.61
CA CYS A 152 -5.32 0.93 -18.99
C CYS A 152 -6.11 0.39 -17.81
N CYS A 153 -6.99 -0.56 -18.11
CA CYS A 153 -7.70 -1.33 -17.07
C CYS A 153 -7.76 -2.80 -17.49
N ILE A 154 -7.73 -3.63 -16.48
CA ILE A 154 -7.74 -5.10 -16.62
C ILE A 154 -9.20 -5.56 -16.66
N ALA A 155 -9.51 -6.43 -17.61
CA ALA A 155 -10.85 -7.01 -17.86
C ALA A 155 -10.80 -8.54 -17.69
N ASP A 156 -12.00 -9.11 -17.54
CA ASP A 156 -12.30 -10.56 -17.64
C ASP A 156 -11.81 -11.29 -16.39
N LEU A 157 -12.67 -11.32 -15.39
CA LEU A 157 -12.39 -12.08 -14.14
C LEU A 157 -13.11 -13.44 -14.15
N GLY A 158 -13.38 -13.98 -15.32
CA GLY A 158 -14.08 -15.26 -15.49
C GLY A 158 -13.29 -16.46 -15.05
N LEU A 159 -11.97 -16.32 -14.89
N LEU A 159 -11.95 -16.33 -14.90
CA LEU A 159 -11.11 -17.43 -14.42
CA LEU A 159 -11.07 -17.43 -14.41
C LEU A 159 -10.48 -17.06 -13.08
C LEU A 159 -10.50 -17.08 -13.04
N ALA A 160 -10.88 -15.93 -12.49
CA ALA A 160 -10.20 -15.40 -11.30
C ALA A 160 -10.36 -16.34 -10.12
N VAL A 161 -9.37 -16.37 -9.25
CA VAL A 161 -9.39 -17.14 -7.99
C VAL A 161 -9.22 -16.20 -6.80
N MET A 162 -9.98 -16.45 -5.74
CA MET A 162 -9.95 -15.62 -4.52
C MET A 162 -9.27 -16.41 -3.40
N HIS A 163 -8.51 -15.73 -2.54
CA HIS A 163 -7.93 -16.25 -1.28
C HIS A 163 -8.10 -15.26 -0.08
N SER A 164 -8.45 -15.77 1.10
CA SER A 164 -8.47 -15.04 2.41
C SER A 164 -7.72 -15.84 3.49
N PRO A 176 -14.56 -25.82 -17.54
CA PRO A 176 -13.14 -26.22 -17.60
C PRO A 176 -12.23 -25.20 -18.29
N ARG A 177 -12.63 -23.92 -18.35
CA ARG A 177 -11.79 -22.89 -18.98
C ARG A 177 -10.40 -22.95 -18.39
N VAL A 178 -9.35 -22.84 -19.23
CA VAL A 178 -7.97 -22.64 -18.73
C VAL A 178 -7.43 -21.35 -19.38
N GLY A 179 -6.29 -20.91 -18.92
CA GLY A 179 -5.70 -19.67 -19.48
C GLY A 179 -5.36 -19.82 -20.97
N THR A 180 -5.15 -18.70 -21.64
CA THR A 180 -4.65 -18.65 -23.03
C THR A 180 -3.27 -19.32 -23.08
N LYS A 181 -3.11 -20.33 -23.93
CA LYS A 181 -1.90 -21.18 -23.93
CA LYS A 181 -1.91 -21.19 -23.89
C LYS A 181 -0.64 -20.37 -24.20
N ARG A 182 -0.72 -19.40 -25.09
CA ARG A 182 0.47 -18.62 -25.50
C ARG A 182 1.07 -17.92 -24.28
N TYR A 183 0.26 -17.59 -23.29
CA TYR A 183 0.69 -16.82 -22.11
C TYR A 183 0.90 -17.69 -20.87
N MET A 184 0.75 -19.02 -20.96
CA MET A 184 0.90 -19.89 -19.78
C MET A 184 2.35 -19.96 -19.31
N ALA A 185 2.51 -19.80 -18.01
CA ALA A 185 3.81 -19.97 -17.34
C ALA A 185 4.29 -21.41 -17.46
N PRO A 186 5.61 -21.63 -17.32
CA PRO A 186 6.19 -22.97 -17.46
C PRO A 186 5.56 -23.99 -16.50
N GLU A 187 5.23 -23.62 -15.26
CA GLU A 187 4.68 -24.55 -14.26
C GLU A 187 3.24 -24.94 -14.62
N VAL A 188 2.55 -24.13 -15.44
CA VAL A 188 1.20 -24.49 -15.92
C VAL A 188 1.37 -25.50 -17.05
N LEU A 189 2.28 -25.23 -17.96
CA LEU A 189 2.55 -26.14 -19.12
C LEU A 189 3.12 -27.50 -18.67
N ASP A 190 3.94 -27.57 -17.63
CA ASP A 190 4.58 -28.85 -17.21
C ASP A 190 3.77 -29.47 -16.06
N GLU A 191 2.67 -28.83 -15.66
CA GLU A 191 1.68 -29.34 -14.69
C GLU A 191 2.31 -29.56 -13.31
N THR A 192 3.37 -28.81 -13.00
CA THR A 192 4.02 -28.82 -11.68
C THR A 192 3.45 -27.74 -10.77
N ILE A 193 2.65 -26.81 -11.28
CA ILE A 193 2.08 -25.75 -10.41
C ILE A 193 1.45 -26.40 -9.16
N GLN A 194 1.75 -25.84 -7.99
CA GLN A 194 1.14 -26.24 -6.70
C GLN A 194 -0.24 -25.63 -6.62
N VAL A 195 -1.26 -26.40 -7.01
CA VAL A 195 -2.66 -25.92 -7.18
C VAL A 195 -3.29 -25.54 -5.83
N ASP A 196 -2.74 -25.98 -4.70
CA ASP A 196 -3.26 -25.71 -3.32
C ASP A 196 -2.71 -24.38 -2.79
N CYS A 197 -1.91 -23.66 -3.58
CA CYS A 197 -1.07 -22.56 -3.07
C CYS A 197 -1.47 -21.26 -3.76
N PHE A 198 -2.04 -20.28 -3.04
CA PHE A 198 -2.51 -19.04 -3.73
C PHE A 198 -1.34 -18.32 -4.41
N ASP A 199 -0.18 -18.25 -3.76
CA ASP A 199 0.98 -17.51 -4.29
C ASP A 199 1.34 -18.07 -5.68
N SER A 200 1.06 -19.34 -5.93
CA SER A 200 1.34 -19.96 -7.25
C SER A 200 0.58 -19.19 -8.32
N TYR A 201 -0.64 -18.78 -8.05
CA TYR A 201 -1.49 -18.18 -9.10
C TYR A 201 -1.03 -16.75 -9.34
N LYS A 202 -0.59 -16.06 -8.30
CA LYS A 202 -0.03 -14.71 -8.49
C LYS A 202 1.20 -14.84 -9.41
N ARG A 203 2.04 -15.85 -9.20
CA ARG A 203 3.31 -15.97 -9.97
C ARG A 203 3.00 -16.29 -11.44
N VAL A 204 1.90 -16.99 -11.70
CA VAL A 204 1.44 -17.22 -13.09
C VAL A 204 1.02 -15.91 -13.74
N ASP A 205 0.34 -15.04 -13.00
CA ASP A 205 -0.04 -13.72 -13.55
C ASP A 205 1.22 -12.89 -13.81
N ILE A 206 2.24 -12.97 -12.98
CA ILE A 206 3.47 -12.15 -13.17
C ILE A 206 4.19 -12.57 -14.46
N TRP A 207 4.25 -13.86 -14.75
CA TRP A 207 4.78 -14.37 -16.04
C TRP A 207 4.05 -13.71 -17.20
N ALA A 208 2.73 -13.78 -17.19
CA ALA A 208 1.89 -13.20 -18.26
C ALA A 208 2.10 -11.69 -18.34
N PHE A 209 2.17 -11.01 -17.20
CA PHE A 209 2.47 -9.56 -17.16
C PHE A 209 3.78 -9.28 -17.90
N GLY A 210 4.81 -10.07 -17.63
CA GLY A 210 6.11 -9.88 -18.28
C GLY A 210 5.97 -9.97 -19.79
N LEU A 211 5.15 -10.90 -20.32
CA LEU A 211 4.90 -11.02 -21.79
C LEU A 211 4.19 -9.76 -22.31
N VAL A 212 3.19 -9.26 -21.56
CA VAL A 212 2.49 -8.02 -21.96
C VAL A 212 3.49 -6.87 -21.98
N LEU A 213 4.37 -6.80 -20.99
N LEU A 213 4.35 -6.76 -20.96
CA LEU A 213 5.35 -5.70 -20.93
CA LEU A 213 5.42 -5.71 -20.93
C LEU A 213 6.26 -5.74 -22.17
C LEU A 213 6.18 -5.75 -22.26
N TRP A 214 6.65 -6.94 -22.64
CA TRP A 214 7.39 -7.14 -23.90
C TRP A 214 6.57 -6.64 -25.09
N GLU A 215 5.29 -6.98 -25.17
CA GLU A 215 4.44 -6.58 -26.33
C GLU A 215 4.41 -5.06 -26.43
N VAL A 216 4.27 -4.39 -25.29
CA VAL A 216 4.13 -2.90 -25.25
C VAL A 216 5.49 -2.29 -25.58
N ALA A 217 6.55 -2.76 -24.95
CA ALA A 217 7.90 -2.18 -25.05
C ALA A 217 8.35 -2.20 -26.52
N ARG A 218 8.01 -3.24 -27.26
CA ARG A 218 8.33 -3.31 -28.70
C ARG A 218 7.80 -2.08 -29.45
N ARG A 219 6.67 -1.57 -29.01
CA ARG A 219 5.99 -0.47 -29.77
C ARG A 219 6.47 0.91 -29.30
N MET A 220 7.38 0.99 -28.34
CA MET A 220 7.96 2.26 -27.86
C MET A 220 9.10 2.67 -28.81
N VAL A 221 9.03 3.88 -29.34
CA VAL A 221 10.06 4.34 -30.32
C VAL A 221 11.33 4.76 -29.56
N SER A 222 12.52 4.39 -30.05
CA SER A 222 13.79 4.98 -29.56
C SER A 222 14.72 5.16 -30.75
N ASN A 223 15.37 6.31 -30.80
CA ASN A 223 16.40 6.57 -31.85
C ASN A 223 15.76 6.27 -33.20
N GLY A 224 14.47 6.62 -33.40
CA GLY A 224 13.75 6.45 -34.67
C GLY A 224 13.41 5.02 -35.03
N ILE A 225 13.57 4.07 -34.12
CA ILE A 225 13.35 2.61 -34.40
C ILE A 225 12.15 2.17 -33.54
N VAL A 226 11.34 1.31 -34.11
CA VAL A 226 10.27 0.60 -33.36
C VAL A 226 10.14 -0.81 -33.95
N GLU A 227 9.72 -1.79 -33.14
CA GLU A 227 9.38 -3.12 -33.68
C GLU A 227 7.91 -3.12 -34.09
N ASP A 228 7.60 -3.90 -35.10
CA ASP A 228 6.21 -4.24 -35.48
C ASP A 228 5.53 -4.93 -34.28
N TYR A 229 4.22 -4.75 -34.17
CA TYR A 229 3.44 -5.54 -33.20
C TYR A 229 3.62 -7.02 -33.54
N LYS A 230 3.98 -7.78 -32.53
CA LYS A 230 3.93 -9.28 -32.58
C LYS A 230 3.46 -9.79 -31.23
N PRO A 231 2.74 -10.93 -31.23
CA PRO A 231 2.38 -11.59 -29.99
C PRO A 231 3.57 -12.33 -29.43
N PRO A 232 3.57 -12.59 -28.10
CA PRO A 232 4.69 -13.33 -27.49
C PRO A 232 4.87 -14.69 -28.22
N PHE A 233 6.13 -15.03 -28.52
CA PHE A 233 6.54 -16.35 -29.10
C PHE A 233 6.12 -16.46 -30.56
N TYR A 234 5.82 -15.35 -31.22
CA TYR A 234 5.34 -15.36 -32.63
C TYR A 234 6.32 -16.08 -33.56
N ASP A 235 7.58 -16.12 -33.18
CA ASP A 235 8.68 -16.65 -34.03
C ASP A 235 8.96 -18.12 -33.76
N VAL A 236 8.35 -18.72 -32.76
CA VAL A 236 8.70 -20.10 -32.32
C VAL A 236 7.50 -21.02 -32.20
N VAL A 237 6.27 -20.52 -32.32
CA VAL A 237 5.05 -21.40 -32.25
C VAL A 237 4.12 -20.98 -33.36
N PRO A 238 3.23 -21.88 -33.80
CA PRO A 238 2.19 -21.51 -34.74
C PRO A 238 1.12 -20.60 -34.14
N ASN A 239 0.26 -20.05 -35.00
CA ASN A 239 -1.05 -19.52 -34.54
C ASN A 239 -1.79 -20.61 -33.79
N ASP A 240 -2.53 -20.27 -32.73
CA ASP A 240 -3.30 -21.23 -31.92
C ASP A 240 -2.37 -22.37 -31.59
N PRO A 241 -1.24 -22.06 -30.92
CA PRO A 241 -0.27 -23.06 -30.53
C PRO A 241 -0.92 -24.10 -29.60
N SER A 242 -0.53 -25.35 -29.77
CA SER A 242 -1.00 -26.40 -28.87
C SER A 242 -0.32 -26.25 -27.53
N PHE A 243 -0.84 -26.93 -26.56
CA PHE A 243 -0.24 -27.09 -25.25
C PHE A 243 1.17 -27.66 -25.44
N GLU A 244 1.34 -28.74 -26.25
CA GLU A 244 2.67 -29.35 -26.51
C GLU A 244 3.64 -28.34 -27.17
N ASP A 245 3.17 -27.56 -28.15
CA ASP A 245 3.99 -26.54 -28.84
C ASP A 245 4.57 -25.61 -27.76
N MET A 246 3.71 -25.14 -26.89
CA MET A 246 4.15 -24.20 -25.82
C MET A 246 5.11 -24.87 -24.82
N ARG A 247 4.80 -26.08 -24.40
CA ARG A 247 5.62 -26.78 -23.40
C ARG A 247 7.04 -26.93 -23.97
N LYS A 248 7.18 -27.32 -25.22
CA LYS A 248 8.54 -27.57 -25.77
CA LYS A 248 8.55 -27.56 -25.77
C LYS A 248 9.34 -26.25 -25.74
N VAL A 249 8.71 -25.15 -26.15
CA VAL A 249 9.41 -23.85 -26.20
C VAL A 249 9.75 -23.39 -24.79
N VAL A 250 8.74 -23.31 -23.92
CA VAL A 250 8.87 -22.63 -22.61
C VAL A 250 9.54 -23.51 -21.58
N CYS A 251 9.22 -24.81 -21.59
CA CYS A 251 9.69 -25.72 -20.50
C CYS A 251 10.94 -26.46 -20.96
N VAL A 252 10.90 -27.07 -22.13
CA VAL A 252 12.02 -27.98 -22.50
C VAL A 252 13.21 -27.15 -22.97
N ASP A 253 12.98 -26.24 -23.91
CA ASP A 253 14.09 -25.41 -24.46
C ASP A 253 14.29 -24.15 -23.62
N GLN A 254 13.32 -23.76 -22.80
CA GLN A 254 13.45 -22.62 -21.88
C GLN A 254 13.71 -21.35 -22.69
N GLN A 255 13.05 -21.22 -23.83
CA GLN A 255 13.09 -19.95 -24.61
C GLN A 255 12.31 -18.84 -23.89
N ARG A 256 12.73 -17.61 -24.17
CA ARG A 256 12.08 -16.38 -23.70
C ARG A 256 12.05 -15.43 -24.88
N PRO A 257 11.12 -14.47 -24.87
CA PRO A 257 11.05 -13.48 -25.93
C PRO A 257 12.40 -12.74 -26.07
N ASN A 258 12.81 -12.54 -27.31
N ASN A 258 12.72 -12.49 -27.34
CA ASN A 258 14.09 -11.89 -27.61
CA ASN A 258 13.94 -11.76 -27.79
C ASN A 258 13.99 -10.39 -27.37
C ASN A 258 13.92 -10.31 -27.29
N ILE A 259 15.03 -9.83 -26.76
CA ILE A 259 15.21 -8.38 -26.49
C ILE A 259 16.06 -7.80 -27.62
N PRO A 260 15.54 -6.91 -28.49
CA PRO A 260 16.33 -6.36 -29.58
C PRO A 260 17.50 -5.50 -29.08
N ASN A 261 18.58 -5.51 -29.84
CA ASN A 261 19.77 -4.70 -29.53
C ASN A 261 19.41 -3.24 -29.31
N ARG A 262 18.53 -2.70 -30.13
CA ARG A 262 18.19 -1.26 -30.09
C ARG A 262 17.70 -0.87 -28.69
N TRP A 263 17.14 -1.79 -27.92
CA TRP A 263 16.63 -1.40 -26.59
C TRP A 263 17.79 -0.92 -25.71
N PHE A 264 19.01 -1.44 -25.91
CA PHE A 264 20.13 -1.19 -24.96
C PHE A 264 20.76 0.19 -25.19
N SER A 265 20.32 0.91 -26.20
CA SER A 265 20.65 2.35 -26.43
C SER A 265 19.70 3.25 -25.65
N ASP A 266 18.58 2.72 -25.14
CA ASP A 266 17.52 3.56 -24.54
C ASP A 266 17.40 3.22 -23.06
N PRO A 267 17.53 4.19 -22.12
CA PRO A 267 17.55 3.84 -20.71
C PRO A 267 16.19 3.26 -20.25
N THR A 268 15.08 3.71 -20.83
CA THR A 268 13.73 3.19 -20.47
C THR A 268 13.60 1.72 -20.88
N LEU A 269 13.95 1.42 -22.13
CA LEU A 269 13.83 0.04 -22.62
C LEU A 269 14.88 -0.86 -21.97
N THR A 270 16.04 -0.35 -21.59
CA THR A 270 17.06 -1.13 -20.85
C THR A 270 16.45 -1.55 -19.50
N SER A 271 15.82 -0.62 -18.77
CA SER A 271 15.22 -0.91 -17.46
C SER A 271 14.02 -1.86 -17.65
N LEU A 272 13.23 -1.68 -18.71
CA LEU A 272 12.08 -2.58 -18.95
C LEU A 272 12.55 -4.00 -19.32
N ALA A 273 13.63 -4.16 -20.09
CA ALA A 273 14.15 -5.51 -20.41
C ALA A 273 14.53 -6.23 -19.12
N LYS A 274 15.16 -5.52 -18.17
CA LYS A 274 15.55 -6.12 -16.87
C LYS A 274 14.29 -6.56 -16.13
N LEU A 275 13.28 -5.70 -16.18
CA LEU A 275 12.02 -5.97 -15.45
C LEU A 275 11.37 -7.22 -16.03
N MET A 276 11.26 -7.29 -17.34
CA MET A 276 10.56 -8.45 -17.92
C MET A 276 11.37 -9.72 -17.65
N LYS A 277 12.69 -9.70 -17.70
CA LYS A 277 13.55 -10.85 -17.31
C LYS A 277 13.13 -11.36 -15.94
N GLU A 278 12.85 -10.46 -14.99
N GLU A 278 12.86 -10.45 -14.99
CA GLU A 278 12.59 -10.85 -13.59
CA GLU A 278 12.60 -10.82 -13.58
C GLU A 278 11.14 -11.31 -13.40
C GLU A 278 11.14 -11.22 -13.39
N CYS A 279 10.34 -11.22 -14.45
CA CYS A 279 8.97 -11.84 -14.48
C CYS A 279 9.03 -13.25 -15.09
N TRP A 280 10.16 -13.65 -15.70
CA TRP A 280 10.23 -14.88 -16.55
C TRP A 280 11.13 -15.96 -15.98
N TYR A 281 11.56 -15.83 -14.74
CA TYR A 281 12.35 -16.90 -14.08
C TYR A 281 11.58 -18.22 -14.18
N GLN A 282 12.29 -19.29 -14.52
CA GLN A 282 11.70 -20.66 -14.50
C GLN A 282 11.13 -20.96 -13.12
N ASN A 283 11.88 -20.63 -12.07
CA ASN A 283 11.47 -20.78 -10.67
C ASN A 283 10.45 -19.71 -10.33
N PRO A 284 9.18 -20.08 -10.07
CA PRO A 284 8.12 -19.09 -9.86
C PRO A 284 8.40 -18.18 -8.67
N SER A 285 9.03 -18.72 -7.63
CA SER A 285 9.25 -17.95 -6.39
C SER A 285 10.36 -16.90 -6.59
N ALA A 286 11.13 -16.93 -7.69
CA ALA A 286 12.17 -15.93 -8.00
C ALA A 286 11.56 -14.71 -8.69
N ARG A 287 10.35 -14.85 -9.22
CA ARG A 287 9.73 -13.74 -9.97
C ARG A 287 9.42 -12.57 -9.03
N LEU A 288 9.47 -11.37 -9.58
CA LEU A 288 9.10 -10.10 -8.88
C LEU A 288 7.61 -10.18 -8.50
N THR A 289 7.23 -9.54 -7.40
CA THR A 289 5.81 -9.29 -7.07
C THR A 289 5.30 -8.07 -7.82
N ALA A 290 3.96 -7.97 -7.94
CA ALA A 290 3.32 -6.81 -8.60
C ALA A 290 3.72 -5.52 -7.87
N LEU A 291 3.78 -5.58 -6.55
CA LEU A 291 4.14 -4.36 -5.76
C LEU A 291 5.58 -3.99 -6.09
N ARG A 292 6.49 -4.97 -6.17
CA ARG A 292 7.90 -4.65 -6.51
C ARG A 292 7.99 -4.08 -7.95
N ILE A 293 7.23 -4.61 -8.91
CA ILE A 293 7.17 -4.07 -10.29
C ILE A 293 6.71 -2.61 -10.28
N LYS A 294 5.64 -2.29 -9.53
CA LYS A 294 5.23 -0.89 -9.43
C LYS A 294 6.37 -0.01 -8.94
N LYS A 295 7.03 -0.40 -7.86
CA LYS A 295 8.10 0.45 -7.29
C LYS A 295 9.16 0.66 -8.38
N THR A 296 9.58 -0.42 -9.02
CA THR A 296 10.63 -0.35 -10.07
C THR A 296 10.17 0.62 -11.15
N LEU A 297 8.92 0.57 -11.56
CA LEU A 297 8.44 1.39 -12.67
C LEU A 297 8.40 2.88 -12.25
N THR A 298 8.06 3.19 -11.00
CA THR A 298 8.02 4.59 -10.52
C THR A 298 9.42 5.21 -10.53
N LYS A 299 10.48 4.40 -10.54
CA LYS A 299 11.87 4.93 -10.49
C LYS A 299 12.45 4.97 -11.90
N ILE A 300 11.73 4.50 -12.92
CA ILE A 300 12.20 4.60 -14.33
C ILE A 300 11.83 5.99 -14.85
N ASP A 301 12.83 6.73 -15.34
CA ASP A 301 12.71 8.09 -15.95
C ASP A 301 12.27 9.10 -14.89
N ALA B 7 -7.62 1.05 46.82
CA ALA B 7 -8.60 1.96 46.14
C ALA B 7 -8.48 1.79 44.62
N ARG B 8 -9.54 1.29 43.98
CA ARG B 8 -9.60 0.99 42.52
C ARG B 8 -10.60 1.90 41.81
N ASP B 9 -11.45 2.64 42.54
CA ASP B 9 -12.59 3.47 42.04
C ASP B 9 -12.05 4.60 41.16
N ILE B 10 -12.78 4.93 40.09
CA ILE B 10 -12.40 6.04 39.16
C ILE B 10 -13.63 6.85 38.84
N THR B 11 -13.54 8.17 38.85
CA THR B 11 -14.66 9.02 38.38
C THR B 11 -14.29 9.63 37.03
N LEU B 12 -15.12 9.43 35.99
CA LEU B 12 -14.92 10.07 34.68
C LEU B 12 -15.51 11.48 34.74
N LEU B 13 -14.71 12.48 34.42
CA LEU B 13 -15.06 13.91 34.67
C LEU B 13 -15.26 14.65 33.36
N GLU B 14 -14.38 14.49 32.37
CA GLU B 14 -14.62 15.14 31.06
C GLU B 14 -13.92 14.42 29.90
N CYS B 15 -14.55 14.46 28.74
CA CYS B 15 -14.00 13.86 27.52
C CYS B 15 -12.96 14.83 26.93
N VAL B 16 -11.70 14.41 26.81
CA VAL B 16 -10.60 15.25 26.27
C VAL B 16 -10.28 14.77 24.83
N GLY B 17 -11.03 13.82 24.28
CA GLY B 17 -10.77 13.32 22.92
C GLY B 17 -11.79 12.28 22.53
N LYS B 18 -12.23 12.34 21.28
CA LYS B 18 -13.22 11.40 20.71
C LYS B 18 -12.85 11.24 19.23
N GLY B 19 -12.90 10.02 18.72
CA GLY B 19 -12.50 9.71 17.35
C GLY B 19 -12.86 8.29 16.99
N ARG B 20 -12.37 7.83 15.85
CA ARG B 20 -12.58 6.43 15.38
C ARG B 20 -11.97 5.47 16.41
N TYR B 21 -10.94 5.89 17.14
CA TYR B 21 -10.21 5.06 18.16
C TYR B 21 -11.11 4.74 19.35
N GLY B 22 -12.11 5.58 19.61
CA GLY B 22 -12.90 5.54 20.85
C GLY B 22 -12.84 6.90 21.51
N GLU B 23 -12.53 6.96 22.79
CA GLU B 23 -12.66 8.22 23.55
C GLU B 23 -11.61 8.23 24.65
N VAL B 24 -11.13 9.42 25.00
CA VAL B 24 -10.29 9.53 26.20
C VAL B 24 -10.96 10.50 27.16
N TRP B 25 -10.94 10.12 28.43
CA TRP B 25 -11.53 10.88 29.56
C TRP B 25 -10.45 11.27 30.53
N ARG B 26 -10.55 12.51 31.01
CA ARG B 26 -9.89 12.88 32.27
C ARG B 26 -10.76 12.32 33.38
N GLY B 27 -10.19 11.53 34.27
CA GLY B 27 -10.93 11.01 35.43
C GLY B 27 -10.14 11.26 36.69
N SER B 28 -10.80 11.06 37.83
CA SER B 28 -10.18 11.13 39.17
C SER B 28 -9.97 9.74 39.74
N TRP B 29 -8.79 9.45 40.30
CA TRP B 29 -8.45 8.19 41.00
C TRP B 29 -7.50 8.50 42.16
N GLN B 30 -7.92 8.18 43.39
CA GLN B 30 -7.18 8.49 44.63
C GLN B 30 -6.81 9.97 44.61
N GLY B 31 -7.77 10.84 44.26
CA GLY B 31 -7.63 12.31 44.27
C GLY B 31 -6.72 12.87 43.18
N GLU B 32 -6.30 12.06 42.22
CA GLU B 32 -5.35 12.47 41.15
C GLU B 32 -6.05 12.34 39.78
N ASN B 33 -5.72 13.21 38.85
CA ASN B 33 -6.18 13.07 37.44
C ASN B 33 -5.53 11.81 36.88
N VAL B 34 -6.32 11.03 36.15
CA VAL B 34 -5.79 9.90 35.32
C VAL B 34 -6.47 10.06 33.98
N ALA B 35 -5.92 9.41 32.95
CA ALA B 35 -6.52 9.35 31.62
C ALA B 35 -7.16 7.97 31.47
N VAL B 36 -8.37 7.94 30.97
CA VAL B 36 -9.11 6.68 30.73
C VAL B 36 -9.49 6.63 29.27
N LYS B 37 -8.85 5.73 28.53
CA LYS B 37 -9.21 5.46 27.12
C LYS B 37 -10.20 4.29 27.05
N ILE B 38 -11.31 4.54 26.38
CA ILE B 38 -12.35 3.54 26.11
C ILE B 38 -12.27 3.28 24.61
N PHE B 39 -11.87 2.09 24.23
CA PHE B 39 -11.56 1.76 22.84
C PHE B 39 -12.88 1.50 22.13
N SER B 40 -12.93 1.84 20.85
N SER B 40 -12.91 1.85 20.84
CA SER B 40 -14.00 1.43 19.93
CA SER B 40 -13.92 1.42 19.85
C SER B 40 -13.86 -0.08 19.70
C SER B 40 -13.84 -0.10 19.71
N SER B 41 -14.97 -0.79 19.50
CA SER B 41 -14.90 -2.27 19.23
C SER B 41 -14.10 -2.53 17.96
N ARG B 42 -14.09 -1.59 17.05
CA ARG B 42 -13.31 -1.67 15.79
C ARG B 42 -11.80 -1.80 16.10
N ASP B 43 -11.37 -1.40 17.29
N ASP B 43 -11.34 -1.28 17.26
CA ASP B 43 -9.91 -1.35 17.54
CA ASP B 43 -9.90 -1.19 17.63
C ASP B 43 -9.55 -2.26 18.72
C ASP B 43 -9.55 -2.23 18.73
N GLU B 44 -10.31 -3.32 18.87
CA GLU B 44 -10.09 -4.28 19.97
C GLU B 44 -8.68 -4.87 19.94
N LYS B 45 -8.10 -5.05 18.75
CA LYS B 45 -6.78 -5.66 18.64
C LYS B 45 -5.70 -4.71 19.13
N SER B 46 -5.91 -3.40 18.99
CA SER B 46 -4.99 -2.41 19.57
C SER B 46 -5.03 -2.47 21.10
N TRP B 47 -6.21 -2.56 21.72
CA TRP B 47 -6.30 -2.65 23.18
C TRP B 47 -5.47 -3.84 23.66
N PHE B 48 -5.62 -5.00 23.02
CA PHE B 48 -4.93 -6.21 23.50
C PHE B 48 -3.42 -6.03 23.32
N ARG B 49 -2.99 -5.48 22.18
CA ARG B 49 -1.56 -5.29 21.90
C ARG B 49 -0.95 -4.34 22.95
N GLU B 50 -1.64 -3.25 23.20
CA GLU B 50 -1.15 -2.25 24.17
C GLU B 50 -1.04 -2.90 25.54
N THR B 51 -1.98 -3.78 25.86
CA THR B 51 -1.96 -4.51 27.16
C THR B 51 -0.74 -5.45 27.19
N GLU B 52 -0.48 -6.20 26.12
CA GLU B 52 0.77 -7.04 26.03
C GLU B 52 1.99 -6.16 26.30
N LEU B 53 2.06 -4.99 25.69
CA LEU B 53 3.27 -4.13 25.83
C LEU B 53 3.39 -3.64 27.28
N TYR B 54 2.30 -3.18 27.87
CA TYR B 54 2.37 -2.60 29.22
C TYR B 54 2.55 -3.67 30.30
N ASN B 55 2.43 -4.96 29.98
CA ASN B 55 2.79 -6.05 30.92
C ASN B 55 4.26 -5.94 31.32
N THR B 56 5.10 -5.34 30.48
CA THR B 56 6.59 -5.31 30.69
C THR B 56 6.93 -4.25 31.75
N VAL B 57 7.31 -4.67 32.96
CA VAL B 57 7.69 -3.71 34.03
C VAL B 57 8.83 -2.81 33.52
N MET B 58 9.83 -3.33 32.80
CA MET B 58 11.00 -2.49 32.42
C MET B 58 10.69 -1.57 31.22
N LEU B 59 9.46 -1.55 30.72
CA LEU B 59 9.05 -0.51 29.74
C LEU B 59 9.01 0.85 30.42
N ARG B 60 8.73 0.91 31.72
CA ARG B 60 8.51 2.18 32.45
C ARG B 60 9.68 3.15 32.20
N HIS B 61 9.35 4.37 31.83
CA HIS B 61 10.35 5.38 31.44
C HIS B 61 9.70 6.75 31.50
N GLU B 62 10.50 7.75 31.87
CA GLU B 62 10.06 9.16 31.94
C GLU B 62 9.46 9.60 30.61
N ASN B 63 9.90 9.04 29.48
CA ASN B 63 9.45 9.51 28.14
C ASN B 63 8.53 8.47 27.47
N ILE B 64 7.91 7.59 28.24
CA ILE B 64 6.81 6.67 27.78
C ILE B 64 5.61 6.93 28.68
N LEU B 65 4.43 7.12 28.11
CA LEU B 65 3.18 7.32 28.87
C LEU B 65 3.03 6.26 29.96
N GLY B 66 2.92 6.71 31.20
CA GLY B 66 2.81 5.83 32.38
C GLY B 66 1.52 5.06 32.46
N PHE B 67 1.64 3.76 32.68
CA PHE B 67 0.56 2.78 32.72
C PHE B 67 0.04 2.60 34.14
N ILE B 68 -1.27 2.61 34.32
CA ILE B 68 -1.88 2.29 35.63
C ILE B 68 -2.62 0.94 35.54
N ALA B 69 -3.55 0.79 34.59
CA ALA B 69 -4.34 -0.46 34.50
C ALA B 69 -4.91 -0.64 33.09
N SER B 70 -5.25 -1.88 32.77
CA SER B 70 -5.99 -2.27 31.56
C SER B 70 -7.11 -3.21 31.95
N ASP B 71 -8.29 -2.99 31.38
CA ASP B 71 -9.43 -3.85 31.74
C ASP B 71 -10.22 -4.18 30.50
N MET B 72 -10.66 -5.43 30.43
CA MET B 72 -11.73 -5.82 29.51
C MET B 72 -12.91 -6.29 30.37
N THR B 73 -14.07 -5.68 30.19
CA THR B 73 -15.26 -5.95 31.02
C THR B 73 -16.38 -6.37 30.10
N SER B 74 -17.22 -7.30 30.56
CA SER B 74 -18.39 -7.67 29.73
C SER B 74 -19.54 -8.19 30.58
N ARG B 75 -20.74 -7.89 30.11
CA ARG B 75 -21.99 -8.55 30.54
C ARG B 75 -22.84 -8.78 29.32
N HIS B 76 -23.41 -9.97 29.19
CA HIS B 76 -24.21 -10.32 28.00
C HIS B 76 -23.32 -10.14 26.77
N SER B 77 -23.75 -9.43 25.73
CA SER B 77 -22.98 -9.40 24.46
C SER B 77 -22.18 -8.10 24.35
N SER B 78 -22.13 -7.29 25.38
CA SER B 78 -21.48 -5.96 25.36
C SER B 78 -20.09 -6.11 25.97
N THR B 79 -19.02 -5.60 25.33
CA THR B 79 -17.67 -5.59 25.91
C THR B 79 -17.14 -4.16 25.95
N GLN B 80 -16.51 -3.79 27.06
CA GLN B 80 -15.81 -2.51 27.19
C GLN B 80 -14.32 -2.80 27.34
N LEU B 81 -13.53 -1.95 26.70
CA LEU B 81 -12.06 -2.09 26.72
C LEU B 81 -11.49 -0.78 27.22
N TRP B 82 -10.76 -0.84 28.33
CA TRP B 82 -10.27 0.32 29.07
C TRP B 82 -8.75 0.30 29.14
N LEU B 83 -8.12 1.46 28.98
CA LEU B 83 -6.71 1.65 29.35
C LEU B 83 -6.62 2.86 30.26
N ILE B 84 -5.97 2.71 31.40
CA ILE B 84 -5.88 3.83 32.38
C ILE B 84 -4.41 4.21 32.49
N THR B 85 -4.09 5.49 32.26
CA THR B 85 -2.69 5.96 32.23
C THR B 85 -2.55 7.21 33.09
N HIS B 86 -1.35 7.68 33.22
CA HIS B 86 -1.08 9.06 33.67
C HIS B 86 -1.88 10.04 32.79
N TYR B 87 -2.16 11.21 33.35
CA TYR B 87 -2.90 12.30 32.65
C TYR B 87 -1.92 13.45 32.52
N HIS B 88 -1.74 13.97 31.30
CA HIS B 88 -0.85 15.14 31.02
C HIS B 88 -1.73 16.29 30.58
N GLU B 89 -2.00 17.24 31.50
CA GLU B 89 -3.06 18.24 31.24
C GLU B 89 -2.69 19.19 30.10
N MET B 90 -1.41 19.35 29.76
CA MET B 90 -0.99 20.18 28.60
C MET B 90 -1.34 19.49 27.28
N GLY B 91 -1.74 18.22 27.31
CA GLY B 91 -2.20 17.56 26.09
C GLY B 91 -1.07 17.08 25.21
N SER B 92 -1.39 16.84 23.93
CA SER B 92 -0.42 16.27 22.97
C SER B 92 0.51 17.36 22.45
N LEU B 93 1.64 16.95 21.94
CA LEU B 93 2.59 17.86 21.26
C LEU B 93 1.85 18.55 20.11
N TYR B 94 0.98 17.86 19.39
CA TYR B 94 0.20 18.45 18.28
C TYR B 94 -0.61 19.63 18.84
N ASP B 95 -1.29 19.40 19.95
CA ASP B 95 -2.09 20.47 20.61
C ASP B 95 -1.16 21.62 20.98
N TYR B 96 -0.07 21.32 21.67
CA TYR B 96 0.86 22.31 22.25
C TYR B 96 1.41 23.23 21.15
N LEU B 97 1.83 22.66 20.02
CA LEU B 97 2.47 23.42 18.94
C LEU B 97 1.47 24.32 18.20
N GLN B 98 0.17 24.16 18.38
CA GLN B 98 -0.84 24.90 17.57
C GLN B 98 -0.66 26.37 17.85
N LEU B 99 -0.51 26.73 19.13
CA LEU B 99 -0.52 28.18 19.48
C LEU B 99 0.66 28.59 20.38
N THR B 100 1.68 27.76 20.64
CA THR B 100 2.88 28.16 21.39
CA THR B 100 2.88 28.17 21.40
C THR B 100 4.09 28.08 20.47
N THR B 101 4.94 29.09 20.52
CA THR B 101 6.27 29.04 19.88
C THR B 101 7.31 28.63 20.88
N LEU B 102 8.48 28.26 20.38
CA LEU B 102 9.55 27.67 21.19
C LEU B 102 10.81 28.52 21.09
N ASP B 103 11.62 28.52 22.14
CA ASP B 103 13.00 28.99 22.08
C ASP B 103 13.89 27.78 21.92
N THR B 104 15.18 28.02 21.77
CA THR B 104 16.18 26.98 21.48
C THR B 104 16.13 25.92 22.57
N VAL B 105 16.13 26.36 23.83
CA VAL B 105 16.18 25.46 25.01
C VAL B 105 14.92 24.57 25.02
N SER B 106 13.75 25.13 24.77
N SER B 106 13.75 25.14 24.74
CA SER B 106 12.50 24.35 24.82
CA SER B 106 12.43 24.46 24.82
C SER B 106 12.43 23.42 23.61
C SER B 106 12.21 23.56 23.59
N CYS B 107 12.80 23.91 22.45
CA CYS B 107 12.78 23.08 21.22
C CYS B 107 13.66 21.85 21.45
N LEU B 108 14.91 22.03 21.90
CA LEU B 108 15.85 20.89 22.08
C LEU B 108 15.36 19.96 23.20
N ARG B 109 14.80 20.51 24.26
N ARG B 109 14.80 20.50 24.27
CA ARG B 109 14.27 19.70 25.39
CA ARG B 109 14.27 19.67 25.38
C ARG B 109 13.17 18.77 24.85
C ARG B 109 13.17 18.76 24.84
N ILE B 110 12.26 19.32 24.05
CA ILE B 110 11.15 18.50 23.49
C ILE B 110 11.77 17.41 22.63
N VAL B 111 12.59 17.77 21.65
CA VAL B 111 12.99 16.75 20.63
C VAL B 111 13.96 15.72 21.28
N LEU B 112 14.82 16.12 22.21
CA LEU B 112 15.69 15.16 22.91
C LEU B 112 14.84 14.22 23.74
N SER B 113 13.78 14.70 24.38
CA SER B 113 12.94 13.83 25.23
C SER B 113 12.29 12.76 24.34
N ILE B 114 11.84 13.14 23.15
CA ILE B 114 11.17 12.16 22.23
C ILE B 114 12.23 11.15 21.76
N ALA B 115 13.42 11.60 21.42
CA ALA B 115 14.53 10.73 20.99
C ALA B 115 14.90 9.77 22.11
N SER B 116 14.90 10.25 23.36
N SER B 116 14.88 10.24 23.35
CA SER B 116 15.21 9.39 24.53
CA SER B 116 15.20 9.44 24.55
C SER B 116 14.14 8.31 24.67
C SER B 116 14.14 8.34 24.71
N GLY B 117 12.87 8.67 24.59
CA GLY B 117 11.76 7.69 24.61
C GLY B 117 11.90 6.69 23.48
N LEU B 118 12.25 7.16 22.30
CA LEU B 118 12.30 6.26 21.13
C LEU B 118 13.50 5.32 21.22
N ALA B 119 14.64 5.81 21.67
CA ALA B 119 15.83 4.96 21.86
C ALA B 119 15.55 3.94 22.95
N HIS B 120 14.87 4.33 24.01
CA HIS B 120 14.45 3.38 25.06
C HIS B 120 13.56 2.29 24.46
N LEU B 121 12.59 2.65 23.64
CA LEU B 121 11.77 1.60 22.97
C LEU B 121 12.67 0.70 22.16
N HIS B 122 13.48 1.27 21.28
CA HIS B 122 14.22 0.48 20.26
C HIS B 122 15.27 -0.46 20.88
N ILE B 123 15.86 -0.07 22.00
CA ILE B 123 17.04 -0.81 22.57
C ILE B 123 16.52 -1.82 23.59
N GLU B 124 16.90 -3.09 23.41
CA GLU B 124 16.53 -4.21 24.33
C GLU B 124 17.21 -4.03 25.70
N ILE B 125 16.48 -4.29 26.79
CA ILE B 125 17.01 -4.39 28.16
C ILE B 125 16.99 -5.89 28.54
N PHE B 126 18.16 -6.39 28.95
CA PHE B 126 18.39 -7.81 29.33
C PHE B 126 18.43 -7.96 30.85
N GLY B 127 17.77 -9.01 31.36
CA GLY B 127 17.75 -9.37 32.80
C GLY B 127 16.49 -10.16 33.12
N THR B 128 16.39 -10.67 34.35
CA THR B 128 15.25 -11.50 34.81
C THR B 128 13.95 -10.71 34.55
N GLN B 129 13.95 -9.41 34.89
CA GLN B 129 12.94 -8.43 34.43
C GLN B 129 13.49 -7.72 33.19
N GLY B 130 13.02 -8.09 31.99
CA GLY B 130 13.62 -7.56 30.74
C GLY B 130 12.66 -6.64 30.01
N LYS B 131 13.15 -5.96 28.98
CA LYS B 131 12.26 -5.31 27.99
C LYS B 131 12.77 -5.65 26.59
N PRO B 132 11.91 -6.23 25.75
CA PRO B 132 12.32 -6.52 24.37
C PRO B 132 12.61 -5.19 23.65
N ALA B 133 13.32 -5.27 22.54
CA ALA B 133 13.36 -4.15 21.57
C ALA B 133 11.93 -3.97 21.05
N ILE B 134 11.51 -2.72 20.90
CA ILE B 134 10.12 -2.36 20.53
C ILE B 134 10.17 -1.31 19.43
N ALA B 135 9.45 -1.53 18.35
CA ALA B 135 9.18 -0.51 17.33
C ALA B 135 7.71 -0.09 17.46
N HIS B 136 7.48 1.21 17.43
CA HIS B 136 6.17 1.81 17.77
C HIS B 136 5.18 1.64 16.60
N ARG B 137 5.58 2.09 15.41
CA ARG B 137 4.82 1.98 14.13
C ARG B 137 3.74 3.03 13.96
N ASP B 138 3.45 3.89 14.93
CA ASP B 138 2.50 4.99 14.67
C ASP B 138 2.98 6.27 15.38
N LEU B 139 4.26 6.60 15.29
CA LEU B 139 4.77 7.82 15.92
C LEU B 139 4.21 9.02 15.18
N LYS B 140 3.70 9.99 15.94
CA LYS B 140 3.21 11.26 15.36
C LYS B 140 3.00 12.23 16.51
N SER B 141 2.75 13.50 16.17
CA SER B 141 2.70 14.52 17.25
C SER B 141 1.45 14.32 18.13
N LYS B 142 0.36 13.72 17.63
CA LYS B 142 -0.82 13.45 18.50
C LYS B 142 -0.54 12.30 19.50
N ASN B 143 0.49 11.49 19.22
CA ASN B 143 0.85 10.32 20.05
C ASN B 143 2.00 10.64 20.98
N ILE B 144 2.26 11.93 21.17
CA ILE B 144 3.29 12.42 22.11
C ILE B 144 2.58 13.41 23.04
N LEU B 145 2.78 13.24 24.34
CA LEU B 145 2.20 14.15 25.36
C LEU B 145 3.28 15.03 25.92
N VAL B 146 2.89 16.26 26.26
CA VAL B 146 3.80 17.27 26.86
C VAL B 146 3.57 17.27 28.37
N LYS B 147 4.66 17.13 29.12
CA LYS B 147 4.63 17.04 30.60
C LYS B 147 5.02 18.40 31.17
N LYS B 148 4.53 18.67 32.37
CA LYS B 148 4.80 20.00 33.03
C LYS B 148 6.29 20.32 33.12
N ASN B 149 7.20 19.34 33.13
CA ASN B 149 8.67 19.61 33.10
C ASN B 149 9.24 19.97 31.71
N GLY B 150 8.44 20.02 30.66
CA GLY B 150 8.89 20.51 29.34
C GLY B 150 9.38 19.38 28.46
N GLN B 151 9.42 18.21 29.05
CA GLN B 151 9.71 16.95 28.31
C GLN B 151 8.41 16.30 27.87
N CYS B 152 8.56 15.38 26.94
CA CYS B 152 7.43 14.70 26.31
C CYS B 152 7.49 13.22 26.66
N CYS B 153 6.36 12.56 26.50
CA CYS B 153 6.33 11.09 26.55
C CYS B 153 5.56 10.53 25.36
N ILE B 154 6.02 9.36 24.89
CA ILE B 154 5.39 8.63 23.76
C ILE B 154 4.23 7.76 24.24
N ALA B 155 3.14 7.83 23.50
CA ALA B 155 1.87 7.13 23.80
C ALA B 155 1.44 6.25 22.63
N ASP B 156 0.54 5.33 22.93
CA ASP B 156 -0.18 4.45 21.99
C ASP B 156 0.74 3.36 21.45
N LEU B 157 0.81 2.25 22.20
CA LEU B 157 1.63 1.12 21.80
C LEU B 157 0.79 0.01 21.15
N GLY B 158 -0.39 0.33 20.63
CA GLY B 158 -1.29 -0.69 20.06
C GLY B 158 -0.83 -1.29 18.74
N LEU B 159 0.16 -0.72 18.06
CA LEU B 159 0.67 -1.28 16.78
C LEU B 159 2.08 -1.81 16.95
N ALA B 160 2.60 -1.79 18.18
CA ALA B 160 4.03 -2.06 18.41
C ALA B 160 4.44 -3.49 17.97
N VAL B 161 5.69 -3.63 17.61
CA VAL B 161 6.38 -4.92 17.28
C VAL B 161 7.49 -5.11 18.31
N MET B 162 7.65 -6.35 18.78
CA MET B 162 8.70 -6.64 19.78
C MET B 162 9.73 -7.61 19.21
N HIS B 163 10.99 -7.46 19.62
CA HIS B 163 12.07 -8.36 19.16
C HIS B 163 12.97 -8.70 20.35
N SER B 164 13.30 -9.99 20.48
CA SER B 164 14.23 -10.48 21.54
C SER B 164 15.48 -11.03 20.84
N GLN B 165 16.61 -10.38 21.08
N GLN B 165 16.63 -10.38 21.04
CA GLN B 165 17.92 -10.70 20.47
CA GLN B 165 17.91 -10.77 20.36
C GLN B 165 18.39 -12.09 20.94
C GLN B 165 18.39 -12.12 20.93
N SER B 166 18.16 -12.40 22.22
CA SER B 166 18.69 -13.62 22.90
C SER B 166 18.10 -14.87 22.25
N THR B 167 16.85 -14.78 21.80
CA THR B 167 16.09 -15.95 21.29
C THR B 167 15.80 -15.78 19.82
N ASN B 168 16.15 -14.62 19.23
CA ASN B 168 15.88 -14.37 17.79
C ASN B 168 14.37 -14.51 17.54
N GLN B 169 13.57 -13.92 18.42
CA GLN B 169 12.10 -13.98 18.30
C GLN B 169 11.57 -12.59 17.98
N LEU B 170 10.77 -12.55 16.92
CA LEU B 170 10.07 -11.36 16.42
C LEU B 170 8.58 -11.57 16.64
N ASP B 171 7.97 -10.66 17.37
CA ASP B 171 6.52 -10.74 17.72
C ASP B 171 5.85 -9.56 17.04
N VAL B 172 5.18 -9.78 15.92
CA VAL B 172 4.61 -8.67 15.09
C VAL B 172 3.16 -8.44 15.47
N GLY B 173 2.62 -9.25 16.36
CA GLY B 173 1.23 -9.10 16.80
C GLY B 173 0.29 -9.49 15.69
N ASN B 174 -0.99 -9.32 16.01
CA ASN B 174 -2.15 -9.63 15.14
C ASN B 174 -3.01 -8.37 15.17
N ASN B 175 -2.72 -7.43 14.29
CA ASN B 175 -3.49 -6.18 14.24
C ASN B 175 -3.46 -5.73 12.81
N PRO B 176 -4.62 -5.67 12.13
CA PRO B 176 -4.68 -5.20 10.75
C PRO B 176 -4.62 -3.66 10.63
N ARG B 177 -4.69 -2.97 11.78
CA ARG B 177 -4.46 -1.50 11.84
C ARG B 177 -3.16 -1.19 11.11
N VAL B 178 -3.12 -0.05 10.43
CA VAL B 178 -1.87 0.49 9.85
C VAL B 178 -1.62 1.87 10.44
N GLY B 179 -0.44 2.35 10.22
CA GLY B 179 -0.03 3.65 10.75
C GLY B 179 -0.83 4.79 10.16
N THR B 180 -0.73 5.93 10.82
CA THR B 180 -1.37 7.18 10.33
C THR B 180 -0.84 7.51 8.96
N LYS B 181 -1.73 7.76 8.00
CA LYS B 181 -1.29 7.80 6.57
C LYS B 181 -0.24 8.89 6.35
N ARG B 182 -0.45 10.05 6.94
CA ARG B 182 0.43 11.21 6.71
C ARG B 182 1.88 10.94 7.10
N TYR B 183 2.10 10.03 8.05
CA TYR B 183 3.43 9.78 8.64
C TYR B 183 4.06 8.49 8.07
N MET B 184 3.38 7.82 7.13
CA MET B 184 3.88 6.51 6.63
C MET B 184 5.14 6.67 5.78
N ALA B 185 6.17 5.85 6.06
CA ALA B 185 7.42 5.80 5.31
C ALA B 185 7.18 5.33 3.88
N PRO B 186 8.08 5.64 2.95
CA PRO B 186 7.92 5.21 1.56
C PRO B 186 7.65 3.71 1.43
N GLU B 187 8.40 2.90 2.16
CA GLU B 187 8.32 1.40 2.08
C GLU B 187 6.98 0.93 2.66
N VAL B 188 6.31 1.71 3.51
CA VAL B 188 4.96 1.38 4.01
C VAL B 188 3.94 1.76 2.92
N LEU B 189 4.11 2.92 2.31
CA LEU B 189 3.16 3.41 1.29
C LEU B 189 3.25 2.54 0.00
N ASP B 190 4.40 2.02 -0.34
CA ASP B 190 4.54 1.22 -1.58
C ASP B 190 4.45 -0.26 -1.21
N GLU B 191 4.27 -0.56 0.09
CA GLU B 191 4.05 -1.94 0.61
C GLU B 191 5.22 -2.86 0.25
N THR B 192 6.42 -2.36 0.10
CA THR B 192 7.61 -3.22 -0.13
C THR B 192 8.33 -3.54 1.18
N ILE B 193 7.97 -2.93 2.31
CA ILE B 193 8.58 -3.21 3.63
C ILE B 193 8.62 -4.73 3.89
N GLN B 194 9.76 -5.17 4.41
CA GLN B 194 10.07 -6.59 4.71
C GLN B 194 9.42 -6.90 6.05
N VAL B 195 8.31 -7.62 6.04
CA VAL B 195 7.40 -7.80 7.22
C VAL B 195 8.06 -8.62 8.34
N ASP B 196 9.14 -9.36 8.07
CA ASP B 196 9.74 -10.28 9.09
C ASP B 196 11.12 -9.78 9.48
N CYS B 197 11.31 -8.46 9.36
CA CYS B 197 12.61 -7.82 9.60
C CYS B 197 12.42 -6.74 10.68
N PHE B 198 12.90 -6.96 11.89
CA PHE B 198 12.69 -5.98 12.98
C PHE B 198 13.27 -4.63 12.61
N ASP B 199 14.47 -4.61 12.02
CA ASP B 199 15.15 -3.36 11.66
C ASP B 199 14.23 -2.54 10.76
N SER B 200 13.45 -3.16 9.89
CA SER B 200 12.50 -2.45 9.01
C SER B 200 11.53 -1.62 9.85
N TYR B 201 11.01 -2.16 10.95
CA TYR B 201 10.03 -1.41 11.78
C TYR B 201 10.74 -0.25 12.49
N LYS B 202 11.97 -0.47 12.97
CA LYS B 202 12.69 0.67 13.62
C LYS B 202 12.83 1.81 12.60
N ARG B 203 13.13 1.49 11.34
CA ARG B 203 13.40 2.50 10.31
C ARG B 203 12.12 3.25 9.93
N VAL B 204 10.96 2.63 10.08
CA VAL B 204 9.67 3.31 9.91
C VAL B 204 9.51 4.38 11.00
N ASP B 205 9.85 4.03 12.23
CA ASP B 205 9.79 4.98 13.38
C ASP B 205 10.73 6.15 13.08
N ILE B 206 11.89 5.90 12.49
CA ILE B 206 12.87 6.98 12.28
C ILE B 206 12.32 7.98 11.28
N TRP B 207 11.70 7.49 10.21
CA TRP B 207 11.03 8.35 9.23
C TRP B 207 10.03 9.25 9.95
N ALA B 208 9.14 8.66 10.72
CA ALA B 208 8.07 9.43 11.39
C ALA B 208 8.70 10.40 12.36
N PHE B 209 9.73 10.00 13.08
CA PHE B 209 10.39 10.92 14.02
CA PHE B 209 10.45 10.90 14.02
C PHE B 209 10.94 12.12 13.25
N GLY B 210 11.53 11.91 12.06
CA GLY B 210 11.98 13.05 11.24
C GLY B 210 10.85 14.01 11.00
N LEU B 211 9.66 13.50 10.68
CA LEU B 211 8.51 14.38 10.42
C LEU B 211 8.13 15.18 11.69
N VAL B 212 8.15 14.55 12.86
CA VAL B 212 7.83 15.21 14.14
C VAL B 212 8.92 16.28 14.38
N LEU B 213 10.18 15.97 14.12
N LEU B 213 10.17 15.98 14.09
CA LEU B 213 11.27 16.98 14.31
CA LEU B 213 11.27 16.95 14.33
C LEU B 213 10.90 18.22 13.49
C LEU B 213 11.05 18.19 13.46
N TRP B 214 10.55 18.02 12.23
CA TRP B 214 10.16 19.12 11.32
C TRP B 214 8.99 19.91 11.94
N GLU B 215 7.94 19.24 12.42
CA GLU B 215 6.76 19.94 12.98
C GLU B 215 7.21 20.86 14.12
N VAL B 216 8.09 20.36 14.96
CA VAL B 216 8.57 21.08 16.17
C VAL B 216 9.45 22.25 15.73
N ALA B 217 10.43 21.98 14.87
CA ALA B 217 11.43 23.00 14.49
C ALA B 217 10.77 24.21 13.87
N ARG B 218 9.71 24.02 13.10
CA ARG B 218 8.93 25.12 12.48
C ARG B 218 8.52 26.11 13.57
N ARG B 219 8.26 25.65 14.78
CA ARG B 219 7.70 26.49 15.86
C ARG B 219 8.80 27.10 16.70
N MET B 220 10.05 26.85 16.40
CA MET B 220 11.15 27.48 17.15
C MET B 220 11.48 28.84 16.50
N VAL B 221 11.47 29.90 17.30
CA VAL B 221 11.76 31.26 16.80
C VAL B 221 13.26 31.40 16.55
N SER B 222 13.61 32.02 15.42
CA SER B 222 15.02 32.46 15.17
C SER B 222 14.97 33.81 14.46
N ASN B 223 15.80 34.73 14.93
CA ASN B 223 15.90 36.07 14.29
C ASN B 223 14.51 36.69 14.12
N GLY B 224 13.63 36.51 15.11
CA GLY B 224 12.26 37.03 15.13
C GLY B 224 11.30 36.40 14.11
N ILE B 225 11.62 35.24 13.54
CA ILE B 225 10.77 34.60 12.48
C ILE B 225 10.37 33.22 13.03
N VAL B 226 9.14 32.86 12.79
CA VAL B 226 8.69 31.46 13.10
C VAL B 226 7.69 31.05 12.03
N GLU B 227 7.55 29.76 11.74
CA GLU B 227 6.47 29.30 10.83
C GLU B 227 5.21 28.97 11.63
N ASP B 228 4.04 29.05 11.00
CA ASP B 228 2.78 28.57 11.60
C ASP B 228 2.88 27.04 11.70
N TYR B 229 2.19 26.48 12.66
CA TYR B 229 2.01 25.01 12.74
C TYR B 229 1.37 24.53 11.44
N LYS B 230 2.00 23.53 10.85
CA LYS B 230 1.39 22.73 9.77
C LYS B 230 1.76 21.26 9.97
N PRO B 231 0.86 20.34 9.60
CA PRO B 231 1.22 18.92 9.60
C PRO B 231 2.11 18.56 8.41
N PRO B 232 2.88 17.46 8.48
CA PRO B 232 3.69 17.02 7.35
C PRO B 232 2.86 16.91 6.06
N PHE B 233 3.42 17.45 4.99
CA PHE B 233 2.88 17.35 3.60
C PHE B 233 1.59 18.16 3.45
N TYR B 234 1.35 19.15 4.33
CA TYR B 234 0.10 19.95 4.31
C TYR B 234 -0.10 20.56 2.91
N ASP B 235 0.96 20.93 2.25
CA ASP B 235 0.94 21.77 1.01
C ASP B 235 0.71 20.93 -0.25
N VAL B 236 0.84 19.59 -0.19
CA VAL B 236 0.97 18.73 -1.41
C VAL B 236 -0.12 17.67 -1.49
N VAL B 237 -0.90 17.45 -0.44
CA VAL B 237 -2.00 16.45 -0.45
C VAL B 237 -3.31 17.11 -0.09
N PRO B 238 -4.44 16.50 -0.53
CA PRO B 238 -5.76 16.91 -0.08
C PRO B 238 -5.87 16.90 1.45
N ASN B 239 -6.82 17.67 1.97
CA ASN B 239 -7.34 17.48 3.34
C ASN B 239 -7.74 16.01 3.52
N ASP B 240 -7.42 15.46 4.67
CA ASP B 240 -7.79 14.08 5.00
C ASP B 240 -7.22 13.17 3.93
N PRO B 241 -5.90 13.18 3.70
CA PRO B 241 -5.30 12.42 2.61
C PRO B 241 -5.53 10.91 2.75
N SER B 242 -5.73 10.29 1.61
CA SER B 242 -5.85 8.82 1.48
C SER B 242 -4.45 8.20 1.46
N PHE B 243 -4.40 6.90 1.64
CA PHE B 243 -3.18 6.10 1.44
C PHE B 243 -2.57 6.42 0.08
N GLU B 244 -3.38 6.38 -0.99
CA GLU B 244 -2.85 6.62 -2.35
C GLU B 244 -2.38 8.09 -2.52
N ASP B 245 -3.08 9.05 -1.92
CA ASP B 245 -2.65 10.49 -1.90
C ASP B 245 -1.21 10.55 -1.37
N MET B 246 -0.96 9.87 -0.26
CA MET B 246 0.37 9.90 0.38
C MET B 246 1.38 9.14 -0.46
N ARG B 247 0.99 7.98 -1.00
CA ARG B 247 1.89 7.24 -1.87
C ARG B 247 2.34 8.12 -3.05
N LYS B 248 1.40 8.88 -3.61
CA LYS B 248 1.71 9.77 -4.74
C LYS B 248 2.85 10.71 -4.34
N VAL B 249 2.69 11.42 -3.24
CA VAL B 249 3.66 12.51 -2.96
C VAL B 249 4.97 11.91 -2.47
N VAL B 250 4.93 10.88 -1.62
CA VAL B 250 6.18 10.35 -1.02
C VAL B 250 6.92 9.42 -1.98
N CYS B 251 6.22 8.49 -2.60
CA CYS B 251 6.87 7.47 -3.45
C CYS B 251 6.96 7.92 -4.93
N VAL B 252 5.92 8.47 -5.54
CA VAL B 252 5.95 8.84 -6.98
C VAL B 252 6.72 10.16 -7.10
N ASP B 253 6.29 11.19 -6.36
CA ASP B 253 6.81 12.60 -6.50
C ASP B 253 8.10 12.78 -5.69
N GLN B 254 8.51 11.81 -4.86
CA GLN B 254 9.73 11.82 -3.99
C GLN B 254 9.78 13.08 -3.10
N GLN B 255 8.63 13.55 -2.65
CA GLN B 255 8.52 14.79 -1.84
C GLN B 255 9.06 14.52 -0.43
N ARG B 256 9.69 15.55 0.13
CA ARG B 256 10.04 15.61 1.57
C ARG B 256 9.66 16.99 2.07
N PRO B 257 9.36 17.15 3.37
CA PRO B 257 9.01 18.47 3.88
C PRO B 257 10.12 19.47 3.52
N ASN B 258 9.66 20.65 3.11
CA ASN B 258 10.58 21.75 2.74
C ASN B 258 11.22 22.34 4.00
N ILE B 259 12.48 22.70 3.87
CA ILE B 259 13.22 23.38 4.96
C ILE B 259 13.10 24.87 4.71
N PRO B 260 12.43 25.65 5.58
CA PRO B 260 12.42 27.10 5.41
C PRO B 260 13.85 27.64 5.39
N ASN B 261 14.14 28.54 4.43
CA ASN B 261 15.51 29.06 4.27
C ASN B 261 15.95 29.85 5.52
N ARG B 262 15.04 30.38 6.32
CA ARG B 262 15.46 31.16 7.53
C ARG B 262 16.17 30.24 8.51
N TRP B 263 15.91 28.91 8.48
CA TRP B 263 16.60 28.01 9.42
C TRP B 263 18.13 28.09 9.26
N PHE B 264 18.61 28.30 8.05
CA PHE B 264 20.05 28.20 7.75
C PHE B 264 20.81 29.37 8.40
N SER B 265 20.10 30.42 8.89
CA SER B 265 20.72 31.52 9.69
C SER B 265 20.98 31.11 11.15
N ASP B 266 20.34 30.05 11.63
CA ASP B 266 20.39 29.62 13.04
C ASP B 266 21.14 28.30 13.16
N PRO B 267 22.18 28.19 14.02
CA PRO B 267 22.96 26.97 14.12
C PRO B 267 22.13 25.76 14.57
N THR B 268 21.19 25.98 15.49
CA THR B 268 20.32 24.91 16.04
C THR B 268 19.43 24.39 14.93
N LEU B 269 18.74 25.27 14.22
CA LEU B 269 17.82 24.81 13.15
C LEU B 269 18.61 24.21 11.99
N THR B 270 19.80 24.72 11.73
CA THR B 270 20.66 24.14 10.67
C THR B 270 21.00 22.71 11.06
N SER B 271 21.41 22.46 12.31
CA SER B 271 21.67 21.08 12.80
C SER B 271 20.41 20.22 12.73
N LEU B 272 19.27 20.76 13.10
CA LEU B 272 18.04 19.94 13.08
C LEU B 272 17.66 19.60 11.65
N ALA B 273 17.78 20.54 10.71
CA ALA B 273 17.49 20.27 9.29
C ALA B 273 18.37 19.10 8.82
N LYS B 274 19.65 19.11 9.18
CA LYS B 274 20.59 18.04 8.77
C LYS B 274 20.08 16.72 9.34
N LEU B 275 19.68 16.71 10.61
CA LEU B 275 19.22 15.48 11.30
C LEU B 275 17.93 14.98 10.63
N MET B 276 16.97 15.85 10.36
CA MET B 276 15.70 15.32 9.83
C MET B 276 15.93 14.78 8.41
N LYS B 277 16.84 15.36 7.62
CA LYS B 277 17.11 14.78 6.28
C LYS B 277 17.71 13.38 6.39
N GLU B 278 18.46 13.09 7.44
CA GLU B 278 19.04 11.75 7.64
C GLU B 278 18.02 10.76 8.20
N CYS B 279 16.79 11.23 8.49
CA CYS B 279 15.64 10.36 8.83
C CYS B 279 14.85 10.01 7.57
N TRP B 280 15.06 10.71 6.45
CA TRP B 280 14.15 10.71 5.29
C TRP B 280 14.73 10.07 4.04
N TYR B 281 15.86 9.40 4.14
CA TYR B 281 16.40 8.64 2.97
C TYR B 281 15.33 7.66 2.50
N GLN B 282 15.12 7.51 1.18
CA GLN B 282 14.21 6.46 0.65
C GLN B 282 14.81 5.10 1.00
N ASN B 283 16.13 4.96 0.98
CA ASN B 283 16.80 3.70 1.43
C ASN B 283 16.70 3.60 2.96
N PRO B 284 15.86 2.70 3.52
CA PRO B 284 15.66 2.66 4.96
C PRO B 284 16.96 2.43 5.73
N SER B 285 17.89 1.63 5.19
CA SER B 285 19.13 1.30 5.92
C SER B 285 20.10 2.49 5.98
N ALA B 286 19.87 3.56 5.22
CA ALA B 286 20.69 4.80 5.28
C ALA B 286 20.27 5.67 6.46
N ARG B 287 19.05 5.47 6.97
CA ARG B 287 18.53 6.37 8.03
C ARG B 287 19.35 6.20 9.31
N LEU B 288 19.39 7.26 10.11
CA LEU B 288 20.07 7.23 11.44
C LEU B 288 19.31 6.30 12.40
N THR B 289 19.98 5.80 13.43
CA THR B 289 19.34 5.03 14.52
C THR B 289 18.79 6.00 15.54
N ALA B 290 17.88 5.55 16.38
CA ALA B 290 17.34 6.37 17.47
C ALA B 290 18.48 6.75 18.41
N LEU B 291 19.38 5.82 18.67
CA LEU B 291 20.52 6.11 19.61
C LEU B 291 21.36 7.26 19.02
N ARG B 292 21.67 7.21 17.74
CA ARG B 292 22.50 8.24 17.07
C ARG B 292 21.75 9.57 17.11
N ILE B 293 20.43 9.56 16.90
CA ILE B 293 19.66 10.83 16.99
C ILE B 293 19.80 11.39 18.39
N LYS B 294 19.63 10.57 19.42
CA LYS B 294 19.70 11.03 20.84
C LYS B 294 21.07 11.65 21.11
N LYS B 295 22.11 10.98 20.65
CA LYS B 295 23.52 11.42 20.87
C LYS B 295 23.74 12.74 20.18
N THR B 296 23.27 12.88 18.93
CA THR B 296 23.38 14.13 18.14
C THR B 296 22.66 15.28 18.86
N LEU B 297 21.43 15.05 19.30
CA LEU B 297 20.63 16.08 20.00
C LEU B 297 21.25 16.43 21.35
N THR B 298 21.90 15.48 22.01
CA THR B 298 22.58 15.73 23.31
C THR B 298 23.72 16.73 23.06
N LYS B 299 24.40 16.66 21.91
CA LYS B 299 25.56 17.53 21.52
C LYS B 299 25.09 18.92 21.07
N ILE B 300 23.93 19.04 20.38
CA ILE B 300 23.43 20.31 19.76
C ILE B 300 23.04 21.27 20.89
N ASP B 301 23.32 22.57 20.71
CA ASP B 301 22.85 23.66 21.60
C ASP B 301 22.34 24.82 20.73
C10 LU8 C . -14.56 -2.67 -25.64
C10 LU8 C . -14.40 -2.75 -25.63
C13 LU8 C . -13.08 -2.80 -29.18
C13 LU8 C . -12.53 -3.35 -28.93
C15 LU8 C . -13.37 -1.41 -31.22
C15 LU8 C . -12.77 -2.21 -31.18
C17 LU8 C . -14.55 0.16 -32.87
C17 LU8 C . -12.01 -0.38 -32.76
C20 LU8 C . -12.10 0.44 -32.53
C20 LU8 C . -10.86 -2.46 -32.83
C21 LU8 C . -12.41 -0.21 -31.18
C21 LU8 C . -11.46 -2.92 -31.51
C22 LU8 C . -14.61 -0.95 -29.07
C22 LU8 C . -14.13 -1.57 -29.22
C24 LU8 C . -14.69 -3.92 -25.02
C24 LU8 C . -14.55 -3.96 -24.97
C26 LU8 C . -13.95 -6.11 -22.78
C26 LU8 C . -13.99 -6.14 -22.89
C01 LU8 C . -18.68 -6.38 -20.91
C01 LU8 C . -18.57 -6.31 -21.03
C03 LU8 C . -16.32 -6.77 -21.50
C03 LU8 C . -16.28 -6.80 -21.49
C04 LU8 C . -16.21 -5.55 -22.21
C04 LU8 C . -16.21 -5.57 -22.17
C05 LU8 C . -15.03 -5.23 -22.85
C05 LU8 C . -15.06 -5.25 -22.87
C06 LU8 C . -14.90 -3.94 -23.62
C06 LU8 C . -14.91 -3.96 -23.64
C07 LU8 C . -15.04 -2.77 -22.91
C07 LU8 C . -15.16 -2.76 -22.98
C09 LU8 C . -14.69 -1.53 -24.84
C09 LU8 C . -14.66 -1.58 -24.92
C11 LU8 C . -14.27 -2.37 -27.10
C11 LU8 C . -13.97 -2.65 -27.07
C12 LU8 C . -13.34 -3.12 -27.83
C12 LU8 C . -12.95 -3.48 -27.58
C14 LU8 C . -13.72 -1.72 -29.79
C14 LU8 C . -13.15 -2.41 -29.75
C16 LU8 C . -14.60 -1.16 -32.10
C16 LU8 C . -12.66 -0.71 -31.41
C19 LU8 C . -12.93 -0.60 -34.55
C19 LU8 C . -13.15 -2.31 -33.59
C23 LU8 C . -14.90 -1.27 -27.73
C23 LU8 C . -14.55 -1.69 -27.89
C25 LU8 C . -14.59 -5.19 -25.83
C25 LU8 C . -14.30 -5.23 -25.74
C27 LU8 C . -14.04 -7.32 -22.08
C27 LU8 C . -14.07 -7.35 -22.21
C29 LU8 C . -11.76 -8.20 -22.61
C29 LU8 C . -11.80 -7.88 -22.80
C30 LU8 C . -15.25 -7.65 -21.48
C30 LU8 C . -15.23 -7.69 -21.54
C32 LU8 C . -15.18 -8.78 -19.39
C32 LU8 C . -15.12 -8.81 -19.47
N08 LU8 C . -14.93 -1.58 -23.52
N08 LU8 C . -15.03 -1.59 -23.63
N18 LU8 C . -13.23 0.40 -33.51
N18 LU8 C . -11.85 -1.62 -33.52
O02 LU8 C . -17.49 -7.16 -20.84
O02 LU8 C . -17.42 -7.13 -20.79
O28 LU8 C . -13.03 -8.25 -21.92
O28 LU8 C . -13.03 -8.26 -22.21
O31 LU8 C . -15.27 -8.86 -20.79
O31 LU8 C . -15.26 -8.90 -20.87
C1 EDO D . -12.31 1.70 -14.31
O1 EDO D . -11.15 1.32 -13.68
C2 EDO D . -12.26 1.31 -15.72
O2 EDO D . -13.53 1.00 -16.25
C1 EDO E . 12.61 -16.70 -28.64
O1 EDO E . 12.96 -16.60 -30.05
C2 EDO E . 11.17 -16.88 -28.33
O2 EDO E . 10.18 -15.99 -28.99
C1 EDO F . 10.99 -33.74 -22.44
O1 EDO F . 12.02 -33.94 -23.41
C2 EDO F . 9.71 -33.32 -23.07
O2 EDO F . 9.70 -33.27 -24.50
C1 EDO G . 1.93 -17.04 -34.13
O1 EDO G . 2.83 -17.50 -33.13
C2 EDO G . 2.48 -16.31 -35.31
O2 EDO G . 3.63 -16.88 -35.97
O1 TLA H . -37.36 -14.14 -24.28
O11 TLA H . -39.46 -13.82 -24.96
C1 TLA H . -38.33 -14.35 -25.04
C2 TLA H . -38.13 -15.36 -26.18
O2 TLA H . -39.17 -16.31 -26.19
C3 TLA H . -36.77 -16.06 -26.03
O3 TLA H . -36.88 -17.44 -26.34
C4 TLA H . -35.70 -15.35 -26.88
O4 TLA H . -35.55 -14.11 -26.70
O41 TLA H . -35.04 -16.06 -27.66
C10 LU8 I . -31.89 1.13 -10.33
C13 LU8 I . -30.41 1.44 -6.89
C15 LU8 I . -31.42 1.85 -4.62
C17 LU8 I . -32.88 2.95 -2.93
C20 LU8 I . -31.84 0.94 -2.28
C21 LU8 I . -32.00 0.73 -3.79
C22 LU8 I . -32.72 1.74 -6.75
C24 LU8 I . -31.34 0.03 -10.99
C26 LU8 I . -31.77 -2.48 -12.85
C01 LU8 I . -28.37 -0.95 -16.42
C03 LU8 I . -30.07 -2.19 -15.10
C04 LU8 I . -30.31 -1.09 -14.33
C05 LU8 I . -31.14 -1.24 -13.20
C06 LU8 I . -31.56 -0.10 -12.33
C07 LU8 I . -32.38 0.84 -13.00
C09 LU8 I . -32.63 2.05 -11.05
C11 LU8 I . -31.69 1.35 -8.91
C12 LU8 I . -30.49 1.30 -8.27
C14 LU8 I . -31.53 1.64 -6.09
C16 LU8 I . -32.22 3.08 -4.29
C19 LU8 I . -32.54 2.49 -0.59
C23 LU8 I . -32.77 1.56 -8.13
C25 LU8 I . -30.45 -0.88 -10.24
C27 LU8 I . -31.51 -3.57 -13.64
C29 LU8 I . -32.83 -4.93 -12.15
C30 LU8 I . -30.70 -3.41 -14.75
C32 LU8 I . -29.19 -5.15 -15.41
N08 LU8 I . -32.86 1.90 -12.38
N18 LU8 I . -31.98 2.37 -1.94
O02 LU8 I . -29.20 -2.11 -16.20
O28 LU8 I . -32.07 -4.80 -13.35
O31 LU8 I . -30.45 -4.52 -15.52
C10 LU8 J . -29.23 4.63 -7.91
C13 LU8 J . -29.28 5.71 -4.33
C15 LU8 J . -28.28 4.80 -2.23
C17 LU8 J . -27.65 6.35 -0.42
C20 LU8 J . -27.74 3.86 -0.03
C21 LU8 J . -27.49 3.70 -1.54
C22 LU8 J . -27.97 3.71 -4.48
C24 LU8 J . -28.21 4.40 -8.87
C26 LU8 J . -27.00 2.74 -11.38
C01 LU8 J . -25.74 7.06 -13.67
C03 LU8 J . -25.91 4.78 -12.96
C04 LU8 J . -26.92 5.06 -12.05
C05 LU8 J . -27.50 4.07 -11.23
C06 LU8 J . -28.53 4.35 -10.21
C07 LU8 J . -29.85 4.52 -10.55
C09 LU8 J . -30.49 4.82 -8.37
C11 LU8 J . -28.98 4.71 -6.46
C12 LU8 J . -29.55 5.73 -5.68
C14 LU8 J . -28.50 4.72 -3.68
C16 LU8 J . -27.43 6.02 -1.89
C19 LU8 J . -28.14 5.49 1.72
C23 LU8 J . -28.24 3.70 -5.83
C25 LU8 J . -26.76 4.27 -8.44
C27 LU8 J . -26.01 2.47 -12.30
C29 LU8 J . -25.98 0.07 -11.80
C30 LU8 J . -25.44 3.47 -13.07
C32 LU8 J . -24.67 2.88 -15.30
N08 LU8 J . -30.79 4.77 -9.66
N18 LU8 J . -27.39 5.22 0.49
O02 LU8 J . -25.30 5.69 -13.80
O28 LU8 J . -25.45 1.21 -12.50
O31 LU8 J . -24.41 3.20 -13.94
S SO4 K . 18.15 -7.56 -33.11
O1 SO4 K . 18.87 -7.51 -31.88
O2 SO4 K . 18.18 -6.26 -33.68
O3 SO4 K . 16.83 -8.00 -32.89
O4 SO4 K . 18.79 -8.49 -34.01
S SO4 L . -3.31 -17.48 -30.30
O1 SO4 L . -2.53 -17.30 -29.13
O2 SO4 L . -2.47 -17.65 -31.49
O3 SO4 L . -4.14 -16.30 -30.47
O4 SO4 L . -4.18 -18.63 -30.16
C1 EDO M . -11.63 -2.70 -3.49
O1 EDO M . -11.67 -2.54 -4.93
C2 EDO M . -12.54 -3.66 -2.83
O2 EDO M . -13.69 -3.04 -2.31
C1 EDO N . -36.85 0.62 -2.90
O1 EDO N . -37.90 -0.07 -3.57
C2 EDO N . -35.72 0.92 -3.80
O2 EDO N . -35.95 0.69 -5.17
C1 EDO O . 21.33 2.78 -32.51
O1 EDO O . 22.28 3.76 -32.07
C2 EDO O . 20.24 2.56 -31.52
O2 EDO O . 19.05 2.26 -32.17
C1 EDO P . -11.91 -16.04 -29.51
O1 EDO P . -12.44 -16.79 -30.57
C2 EDO P . -11.67 -16.90 -28.36
O2 EDO P . -12.47 -16.55 -27.24
C1 EDO Q . 9.93 -9.70 -37.15
O1 EDO Q . 10.82 -10.65 -36.58
C2 EDO Q . 9.42 -8.64 -36.19
O2 EDO Q . 10.32 -8.31 -35.12
C10 LU8 R . -4.37 13.70 27.20
C13 LU8 R . -6.07 17.04 27.16
C15 LU8 R . -6.56 18.72 25.49
C17 LU8 R . -6.29 20.78 23.95
C20 LU8 R . -8.45 19.56 23.94
C21 LU8 R . -7.95 18.47 24.90
C22 LU8 R . -5.37 16.55 24.91
C24 LU8 R . -4.48 12.47 26.52
C26 LU8 R . -3.31 9.85 25.12
C01 LU8 R . -5.45 6.53 28.29
C03 LU8 R . -4.31 7.61 26.41
C04 LU8 R . -4.35 8.87 27.06
C05 LU8 R . -3.85 9.99 26.42
C06 LU8 R . -3.85 11.35 27.08
C07 LU8 R . -3.15 11.46 28.27
C09 LU8 R . -3.65 13.73 28.37
C11 LU8 R . -4.96 14.97 26.71
C12 LU8 R . -5.59 15.81 27.62
C14 LU8 R . -6.00 17.39 25.86
C16 LU8 R . -5.67 19.44 24.48
C19 LU8 R . -8.09 21.19 25.58
C23 LU8 R . -4.87 15.33 25.34
C25 LU8 R . -5.30 12.38 25.26
C27 LU8 R . -3.27 8.61 24.52
C29 LU8 R . -2.33 9.53 22.48
C30 LU8 R . -3.79 7.52 25.15
C32 LU8 R . -2.71 5.43 24.81
N08 LU8 R . -3.06 12.66 28.91
N18 LU8 R . -7.75 20.80 24.19
O02 LU8 R . -4.79 6.45 27.03
O28 LU8 R . -2.77 8.40 23.25
O31 LU8 R . -3.82 6.31 24.50
S SO4 S . 2.53 16.31 34.32
O1 SO4 S . 1.37 16.79 35.06
O2 SO4 S . 3.73 17.05 34.73
O3 SO4 S . 2.74 14.89 34.59
O4 SO4 S . 2.28 16.51 32.93
C1 EDO T . 7.16 19.38 0.05
O1 EDO T . 8.08 18.77 -0.78
C2 EDO T . 6.36 18.48 0.90
O2 EDO T . 5.50 19.14 1.86
S DMS U . 29.98 8.66 19.73
O DMS U . 28.67 9.38 19.78
C1 DMS U . 29.62 6.93 19.97
C2 DMS U . 30.50 8.59 18.03
O01 XJJ V . -1.12 11.24 36.28
O01 XJJ V . 0.58 8.96 39.08
O01 XJJ V . 2.10 10.30 37.34
C02 XJJ V . -0.83 10.59 37.21
C02 XJJ V . -0.15 9.68 38.48
C02 XJJ V . 0.96 10.61 37.32
C03 XJJ V . -1.80 9.75 38.13
C03 XJJ V . 0.20 10.98 37.67
C03 XJJ V . 0.33 11.94 36.83
N04 XJJ V . -1.25 8.69 38.88
N04 XJJ V . -0.46 11.04 36.42
N04 XJJ V . -0.76 11.71 35.97
C05 XJJ V . 0.16 8.48 38.80
C05 XJJ V . -1.85 11.01 36.53
C05 XJJ V . -1.81 11.02 36.57
C06 XJJ V . 0.96 9.73 38.74
C06 XJJ V . -2.41 10.29 37.71
C06 XJJ V . -1.45 10.12 37.72
N07 XJJ V . 0.65 10.57 37.54
N07 XJJ V . -1.58 9.30 38.46
N07 XJJ V . -0.04 9.62 37.80
S SO4 W . -9.43 9.51 14.59
O1 SO4 W . -9.25 10.54 15.59
O2 SO4 W . -8.62 9.79 13.44
O3 SO4 W . -10.82 9.45 14.23
O4 SO4 W . -9.00 8.24 15.12
C1 EDO X . 17.65 7.46 -1.11
O1 EDO X . 18.24 6.88 0.06
C2 EDO X . 17.99 8.90 -1.33
O2 EDO X . 17.28 9.78 -0.48
C1 EDO Y . 7.90 35.92 18.06
O1 EDO Y . 9.29 36.12 18.17
C2 EDO Y . 7.46 35.31 16.76
O2 EDO Y . 7.88 35.98 15.58
#